data_4B3G
#
_entry.id   4B3G
#
_cell.length_a   87.288
_cell.length_b   87.288
_cell.length_c   372.692
_cell.angle_alpha   90.00
_cell.angle_beta   90.00
_cell.angle_gamma   120.00
#
_symmetry.space_group_name_H-M   'P 31 2 1'
#
loop_
_entity.id
_entity.type
_entity.pdbx_description
1 polymer 'DNA-BINDING PROTEIN SMUBP-2'
2 polymer "RNA (5'-(AP*AP*AP*AP*AP*AP*AP*AP*AP)-3')"
3 water water
#
loop_
_entity_poly.entity_id
_entity_poly.type
_entity_poly.pdbx_seq_one_letter_code
_entity_poly.pdbx_strand_id
1 'polypeptide(L)'
;SAAVESFVTKQLDLLELERDAEVEERRSWQENISLKELQSRGVCLLKLQVSSQRTGLYGRLLVTFEPRRYGSAAALPSNS
FTSGDIVGLYDAANEGSQLATGILTRVTQKSVTVAFDESHDFQQSLDRENSYRLLKLANDVTYRRLKKALIALKKYHSGP
ASSLIEVLFGRSAPSPASEIHPLTFFNTCLDTSQKEAVLFALSQKELAIIHGPPGTGKTTTVVEIILQAVKQGLKVLCCA
PSNIAVDNLVERLALCKQRILRLGHPARLLESIQQHSLDAVLARSDSAQIVADIRKDIDQVFVKNKKTQDKREKSNFRNE
IKLLRKELKEREEAAMLESLTSANVVLATNTGASADGPLKLLPESYFDVVVIDECAQALEASCWIPLLKARKCILAGDHK
QLPPTTVSHKAALAGLSLSLMERLAEEYGARVVRTLTVQYRMHQAIMRWASDTMYLGQLTAHSSVARHLLRDLPGVAATE
ETGVPLLLVDTAGCGLFELEEEDEQSKGNPGEVRLVSLHIQALVDAGVPARDIAVVSPYNLQVDLLRQSLVHRHPELEIK
SVDGFQGREKEAVILSFVRSNRKGEVGFLAEDRRINVAVTRARRHVAVICDSRTVNNHAFLKTLVEYFTQHGEVRTAFEY
LDDIVP
;
A,B
2 'polyribonucleotide' AAAAAAAAA G,H
#
# COMPACT_ATOMS: atom_id res chain seq x y z
N ALA A 2 17.22 -25.12 35.10
CA ALA A 2 16.72 -26.02 34.07
C ALA A 2 17.61 -26.00 32.84
N ALA A 3 17.02 -26.35 31.69
CA ALA A 3 17.73 -26.23 30.42
C ALA A 3 17.90 -24.76 30.09
N VAL A 4 17.08 -23.91 30.72
CA VAL A 4 17.09 -22.48 30.43
C VAL A 4 18.24 -21.76 31.15
N GLU A 5 18.45 -22.12 32.42
CA GLU A 5 19.46 -21.45 33.25
C GLU A 5 20.83 -22.10 33.02
N SER A 6 21.08 -22.38 31.75
CA SER A 6 22.34 -22.97 31.27
C SER A 6 22.39 -22.62 29.80
N PHE A 7 21.22 -22.64 29.18
CA PHE A 7 21.04 -22.12 27.85
C PHE A 7 21.39 -20.64 27.91
N VAL A 8 20.65 -19.90 28.72
CA VAL A 8 20.89 -18.48 28.89
C VAL A 8 22.34 -18.19 29.28
N THR A 9 22.92 -19.04 30.11
CA THR A 9 24.28 -18.79 30.59
C THR A 9 25.31 -19.09 29.51
N LYS A 10 25.03 -20.09 28.68
CA LYS A 10 25.94 -20.41 27.60
C LYS A 10 25.75 -19.43 26.45
N GLN A 11 24.51 -19.00 26.26
CA GLN A 11 24.13 -18.14 25.15
C GLN A 11 24.72 -16.76 25.30
N LEU A 12 24.76 -16.27 26.53
CA LEU A 12 25.44 -15.02 26.80
C LEU A 12 26.92 -15.13 26.44
N ASP A 13 27.51 -16.30 26.68
CA ASP A 13 28.89 -16.54 26.32
C ASP A 13 29.09 -16.43 24.81
N LEU A 14 28.37 -17.27 24.07
CA LEU A 14 28.40 -17.24 22.62
C LEU A 14 28.19 -15.84 22.11
N LEU A 15 27.49 -15.05 22.91
CA LEU A 15 27.18 -13.69 22.51
C LEU A 15 28.38 -12.75 22.69
N GLU A 16 29.09 -12.88 23.80
CA GLU A 16 30.28 -12.03 24.03
C GLU A 16 31.46 -12.40 23.11
N LEU A 17 31.54 -13.67 22.75
CA LEU A 17 32.45 -14.11 21.71
C LEU A 17 32.18 -13.33 20.44
N GLU A 18 30.91 -13.04 20.19
CA GLU A 18 30.49 -12.28 19.02
C GLU A 18 30.87 -10.81 19.10
N ARG A 19 30.38 -10.11 20.13
CA ARG A 19 30.67 -8.70 20.29
C ARG A 19 32.17 -8.48 20.19
N ASP A 20 32.92 -9.32 20.88
CA ASP A 20 34.38 -9.18 20.88
C ASP A 20 34.96 -9.39 19.50
N ALA A 21 34.57 -10.47 18.83
CA ALA A 21 35.02 -10.75 17.48
C ALA A 21 34.60 -9.65 16.50
N GLU A 22 33.73 -8.75 16.94
CA GLU A 22 33.29 -7.67 16.09
C GLU A 22 33.94 -6.34 16.49
N VAL A 23 34.33 -6.23 17.75
CA VAL A 23 35.11 -5.09 18.21
C VAL A 23 36.58 -5.26 17.77
N GLU A 24 36.91 -6.47 17.31
CA GLU A 24 38.23 -6.71 16.75
C GLU A 24 38.31 -6.07 15.37
N GLU A 25 37.55 -6.60 14.41
CA GLU A 25 37.54 -6.05 13.05
C GLU A 25 36.87 -4.68 12.97
N ARG A 26 36.78 -4.03 14.13
CA ARG A 26 36.38 -2.65 14.21
C ARG A 26 37.60 -1.83 14.62
N ARG A 27 38.01 -1.97 15.88
CA ARG A 27 39.10 -1.18 16.45
C ARG A 27 40.43 -1.40 15.74
N SER A 28 40.49 -2.37 14.84
CA SER A 28 41.72 -2.64 14.08
C SER A 28 41.93 -1.60 12.99
N TRP A 29 41.08 -1.62 11.97
CA TRP A 29 41.18 -0.65 10.88
C TRP A 29 40.05 0.37 10.94
N LEU A 35 45.98 7.71 10.46
CA LEU A 35 44.96 6.73 10.80
C LEU A 35 43.61 7.32 10.46
N LYS A 36 43.61 8.44 9.74
CA LYS A 36 42.36 9.12 9.37
C LYS A 36 42.14 9.12 7.86
N GLU A 37 43.02 8.42 7.14
CA GLU A 37 42.83 8.19 5.71
C GLU A 37 42.47 6.74 5.46
N LEU A 38 43.18 5.83 6.12
CA LEU A 38 42.85 4.41 6.02
C LEU A 38 41.35 4.24 6.23
N GLN A 39 40.77 5.24 6.88
CA GLN A 39 39.35 5.23 7.21
C GLN A 39 38.45 5.38 6.00
N SER A 40 38.59 6.47 5.25
CA SER A 40 37.69 6.73 4.11
C SER A 40 37.78 5.68 3.00
N ARG A 41 37.41 4.43 3.33
CA ARG A 41 37.56 3.33 2.38
C ARG A 41 36.29 2.50 2.06
N GLY A 42 35.48 2.14 3.07
CA GLY A 42 35.75 2.44 4.47
C GLY A 42 34.57 2.83 5.36
N VAL A 43 34.91 3.34 6.55
CA VAL A 43 33.92 3.65 7.58
C VAL A 43 33.76 5.18 7.78
N CYS A 44 34.12 5.97 6.77
CA CYS A 44 34.11 7.43 6.90
C CYS A 44 33.97 8.17 5.57
N LEU A 45 33.29 9.31 5.61
CA LEU A 45 33.14 10.18 4.43
C LEU A 45 33.57 11.62 4.68
N LEU A 46 34.45 12.13 3.82
CA LEU A 46 35.01 13.46 3.99
C LEU A 46 34.77 14.38 2.79
N LYS A 47 35.10 15.65 2.99
CA LYS A 47 34.89 16.68 1.96
C LYS A 47 33.41 16.77 1.63
N LEU A 48 32.58 16.32 2.58
CA LEU A 48 31.13 16.36 2.44
C LEU A 48 30.64 17.80 2.38
N GLN A 49 30.02 18.16 1.28
CA GLN A 49 29.40 19.47 1.18
C GLN A 49 27.90 19.28 1.34
N VAL A 50 27.23 20.19 2.06
CA VAL A 50 25.79 20.07 2.20
C VAL A 50 25.12 20.54 0.92
N SER A 51 24.14 19.78 0.43
CA SER A 51 23.60 20.07 -0.89
C SER A 51 22.07 20.18 -0.96
N SER A 52 21.37 19.72 0.07
CA SER A 52 19.94 20.00 0.17
C SER A 52 19.44 19.97 1.60
N GLN A 53 18.48 20.81 1.90
CA GLN A 53 17.84 20.76 3.20
C GLN A 53 16.34 20.82 3.04
N ARG A 54 15.64 19.89 3.68
CA ARG A 54 14.18 19.93 3.77
C ARG A 54 13.72 19.26 5.05
N THR A 55 12.41 19.22 5.26
CA THR A 55 11.84 18.51 6.39
C THR A 55 10.99 17.40 5.85
N GLY A 56 10.91 16.31 6.60
CA GLY A 56 10.03 15.21 6.22
C GLY A 56 10.17 14.10 7.22
N LEU A 57 9.28 13.13 7.16
CA LEU A 57 9.60 11.83 7.67
C LEU A 57 10.08 11.84 9.11
N TYR A 58 9.25 12.20 10.08
CA TYR A 58 7.95 12.84 9.98
C TYR A 58 8.22 14.05 10.83
N GLY A 59 8.42 15.21 10.21
CA GLY A 59 8.90 16.39 10.93
C GLY A 59 10.38 16.35 11.33
N ARG A 60 11.18 15.66 10.53
CA ARG A 60 12.61 15.56 10.80
C ARG A 60 13.37 16.45 9.84
N LEU A 61 14.68 16.51 10.02
CA LEU A 61 15.55 17.35 9.19
C LEU A 61 16.35 16.50 8.20
N LEU A 62 15.86 16.39 6.97
CA LEU A 62 16.51 15.57 5.95
C LEU A 62 17.53 16.37 5.18
N VAL A 63 18.81 16.12 5.43
CA VAL A 63 19.84 16.79 4.65
C VAL A 63 20.56 15.83 3.72
N THR A 64 20.91 16.32 2.53
CA THR A 64 21.75 15.55 1.62
C THR A 64 23.20 16.08 1.46
N PHE A 65 24.13 15.14 1.27
CA PHE A 65 25.55 15.45 1.13
C PHE A 65 26.13 14.92 -0.19
N GLU A 66 27.27 15.46 -0.60
CA GLU A 66 28.03 14.89 -1.71
C GLU A 66 29.47 15.32 -1.63
N PRO A 67 30.39 14.39 -1.93
CA PRO A 67 31.83 14.62 -1.78
C PRO A 67 32.31 15.69 -2.73
N ARG A 68 33.44 16.28 -2.41
CA ARG A 68 33.93 17.45 -3.11
C ARG A 68 35.44 17.28 -3.24
N ARG A 69 35.89 16.58 -4.27
CA ARG A 69 37.33 16.29 -4.38
C ARG A 69 38.21 17.53 -4.25
N TYR A 70 38.40 18.27 -5.32
CA TYR A 70 39.07 19.55 -5.20
C TYR A 70 38.00 20.61 -5.39
N GLY A 71 36.82 20.31 -4.84
CA GLY A 71 35.61 21.10 -5.06
C GLY A 71 34.97 20.83 -6.41
N SER A 72 34.43 19.62 -6.61
CA SER A 72 33.82 19.28 -7.90
C SER A 72 33.15 17.90 -7.95
N ALA A 73 33.97 16.88 -8.16
CA ALA A 73 33.51 15.51 -8.22
C ALA A 73 33.36 14.99 -6.78
N ALA A 74 33.25 13.68 -6.55
CA ALA A 74 33.07 12.68 -7.60
C ALA A 74 31.77 11.88 -7.43
N ALA A 75 31.72 10.83 -6.60
CA ALA A 75 32.76 10.41 -5.67
C ALA A 75 32.31 9.15 -4.95
N LEU A 76 32.57 9.08 -3.64
CA LEU A 76 32.17 7.94 -2.81
C LEU A 76 32.82 6.61 -3.19
N PRO A 77 33.63 6.06 -2.27
CA PRO A 77 34.08 4.66 -2.34
C PRO A 77 33.52 3.85 -1.17
N SER A 78 32.40 4.31 -0.58
CA SER A 78 31.93 3.89 0.77
C SER A 78 31.75 2.40 1.06
N ASN A 79 32.00 2.02 2.31
CA ASN A 79 31.85 0.63 2.75
C ASN A 79 30.41 0.17 2.67
N SER A 80 29.90 0.13 1.45
CA SER A 80 28.46 0.07 1.19
C SER A 80 27.72 1.22 1.90
N PHE A 81 28.11 1.50 3.15
CA PHE A 81 27.53 2.61 3.90
C PHE A 81 26.04 2.57 3.69
N THR A 82 25.46 1.39 3.90
CA THR A 82 24.11 1.08 3.46
C THR A 82 23.00 1.90 4.13
N SER A 83 21.84 1.94 3.47
CA SER A 83 20.66 2.59 4.03
C SER A 83 20.23 2.03 5.41
N GLY A 84 20.02 2.94 6.36
CA GLY A 84 19.59 2.58 7.69
C GLY A 84 20.74 2.60 8.69
N ASP A 85 21.88 3.13 8.26
CA ASP A 85 23.05 3.21 9.12
C ASP A 85 23.10 4.49 9.95
N ILE A 86 23.55 4.35 11.19
CA ILE A 86 23.71 5.46 12.12
C ILE A 86 25.04 6.17 11.88
N VAL A 87 25.03 7.48 11.76
CA VAL A 87 26.26 8.20 11.42
C VAL A 87 26.58 9.37 12.34
N GLY A 88 27.86 9.72 12.38
CA GLY A 88 28.39 10.79 13.21
C GLY A 88 28.09 12.21 12.79
N LEU A 89 28.80 12.70 11.77
CA LEU A 89 28.73 14.11 11.33
C LEU A 89 29.64 15.05 12.12
N TYR A 90 30.71 15.50 11.46
CA TYR A 90 31.71 16.33 12.09
C TYR A 90 32.07 17.49 11.18
N ASP A 91 32.55 18.58 11.79
CA ASP A 91 33.04 19.71 11.01
C ASP A 91 34.56 19.79 11.01
N GLY A 96 36.74 19.96 14.56
CA GLY A 96 36.36 19.85 15.96
C GLY A 96 35.89 18.46 16.42
N SER A 97 34.64 18.37 16.87
CA SER A 97 34.02 17.12 17.32
C SER A 97 32.49 17.01 17.12
N GLN A 98 31.91 15.95 17.68
CA GLN A 98 30.49 15.53 17.45
C GLN A 98 29.46 16.65 17.24
N LEU A 99 29.06 16.88 15.99
CA LEU A 99 28.16 17.98 15.64
C LEU A 99 26.68 17.66 15.85
N ALA A 100 26.35 16.37 15.80
CA ALA A 100 24.99 15.87 15.99
C ALA A 100 24.95 14.37 15.73
N THR A 101 23.76 13.85 15.51
CA THR A 101 23.64 12.45 15.15
C THR A 101 22.37 12.26 14.34
N GLY A 102 22.45 11.38 13.35
CA GLY A 102 21.34 11.16 12.46
C GLY A 102 21.40 9.79 11.82
N ILE A 103 20.43 9.53 10.97
CA ILE A 103 20.32 8.20 10.40
C ILE A 103 20.11 8.25 8.87
N LEU A 104 20.53 7.19 8.19
CA LEU A 104 20.72 7.20 6.74
C LEU A 104 19.52 6.74 5.92
N THR A 105 18.90 7.68 5.22
CA THR A 105 17.76 7.44 4.36
C THR A 105 18.12 6.71 3.06
N ARG A 106 19.03 7.31 2.29
CA ARG A 106 19.62 6.61 1.15
C ARG A 106 21.10 6.96 0.91
N VAL A 107 21.73 6.14 0.08
CA VAL A 107 23.10 6.39 -0.29
C VAL A 107 23.24 6.13 -1.78
N THR A 108 23.50 7.20 -2.52
CA THR A 108 23.88 7.11 -3.93
C THR A 108 25.41 7.13 -3.98
N GLN A 109 25.98 6.89 -5.15
CA GLN A 109 27.43 7.05 -5.28
C GLN A 109 27.70 8.52 -5.56
N LYS A 110 26.66 9.32 -5.51
CA LYS A 110 26.85 10.76 -5.62
C LYS A 110 26.35 11.49 -4.37
N SER A 111 25.50 10.84 -3.56
CA SER A 111 24.78 11.54 -2.48
C SER A 111 25.03 11.12 -1.03
N VAL A 112 24.23 10.18 -0.54
CA VAL A 112 24.01 9.93 0.89
C VAL A 112 23.12 11.00 1.56
N THR A 113 21.91 10.59 1.99
CA THR A 113 21.00 11.49 2.71
C THR A 113 20.75 11.00 4.13
N VAL A 114 20.75 11.92 5.08
CA VAL A 114 20.67 11.54 6.50
C VAL A 114 19.52 12.24 7.22
N ALA A 115 18.72 11.48 7.95
CA ALA A 115 17.56 12.01 8.65
C ALA A 115 17.91 12.39 10.08
N PHE A 116 18.05 13.68 10.32
CA PHE A 116 18.37 14.18 11.65
C PHE A 116 17.15 14.41 12.53
N ASP A 117 17.22 13.89 13.75
CA ASP A 117 16.14 14.01 14.72
C ASP A 117 16.28 15.28 15.58
N GLU A 118 16.92 16.31 15.02
CA GLU A 118 17.10 17.59 15.73
C GLU A 118 17.49 17.41 17.20
N GLN A 123 20.70 21.35 18.94
CA GLN A 123 19.99 21.16 17.67
C GLN A 123 19.94 22.47 16.87
N GLN A 124 20.51 22.45 15.66
CA GLN A 124 20.49 23.64 14.79
C GLN A 124 21.32 23.45 13.51
N SER A 125 21.37 24.51 12.71
CA SER A 125 22.10 24.54 11.43
C SER A 125 23.50 25.14 11.60
N LEU A 126 24.49 24.76 10.79
CA LEU A 126 24.43 23.84 9.63
C LEU A 126 24.27 24.61 8.32
N ASP A 127 25.37 24.70 7.56
CA ASP A 127 25.45 25.57 6.38
C ASP A 127 26.20 24.99 5.17
N ARG A 128 25.82 25.45 3.98
CA ARG A 128 26.41 25.01 2.72
C ARG A 128 27.90 25.34 2.66
N GLU A 129 28.24 26.57 3.05
CA GLU A 129 29.60 27.11 2.92
C GLU A 129 30.62 26.44 3.84
N ASN A 130 30.35 25.19 4.21
CA ASN A 130 31.24 24.43 5.08
C ASN A 130 31.71 23.10 4.47
N SER A 131 32.51 22.37 5.23
CA SER A 131 32.99 21.05 4.85
C SER A 131 32.66 20.12 6.00
N TYR A 132 32.26 18.88 5.68
CA TYR A 132 31.81 17.96 6.70
C TYR A 132 32.40 16.58 6.59
N ARG A 133 32.30 15.85 7.68
CA ARG A 133 32.70 14.46 7.72
C ARG A 133 31.53 13.68 8.27
N LEU A 134 31.55 12.39 8.02
CA LEU A 134 30.42 11.55 8.37
C LEU A 134 31.00 10.19 8.73
N LEU A 135 30.59 9.67 9.88
CA LEU A 135 31.24 8.50 10.49
C LEU A 135 30.22 7.42 10.78
N LYS A 136 30.44 6.22 10.26
CA LYS A 136 29.60 5.10 10.67
C LYS A 136 29.93 4.76 12.10
N LEU A 137 28.96 4.93 13.00
CA LEU A 137 29.15 4.54 14.40
C LEU A 137 28.66 3.12 14.60
N ALA A 138 29.22 2.45 15.61
CA ALA A 138 28.76 1.10 15.98
C ALA A 138 27.73 1.18 17.09
N ASN A 139 26.86 0.18 17.16
CA ASN A 139 25.77 0.20 18.12
C ASN A 139 25.64 -1.07 18.98
N ASP A 140 25.61 -0.85 20.29
CA ASP A 140 25.64 -1.93 21.25
C ASP A 140 24.23 -2.35 21.58
N VAL A 141 23.24 -1.66 21.01
CA VAL A 141 21.83 -1.97 21.35
C VAL A 141 21.45 -3.37 20.95
N THR A 142 21.80 -3.80 19.76
CA THR A 142 21.29 -5.11 19.41
C THR A 142 21.80 -6.13 20.41
N TYR A 143 23.06 -6.01 20.81
CA TYR A 143 23.61 -6.93 21.81
C TYR A 143 23.03 -6.63 23.20
N ARG A 144 23.01 -5.37 23.61
CA ARG A 144 22.41 -5.02 24.88
C ARG A 144 21.03 -5.68 25.09
N ARG A 145 20.13 -5.52 24.12
CA ARG A 145 18.75 -6.08 24.18
C ARG A 145 18.68 -7.61 24.08
N LEU A 146 19.61 -8.20 23.33
CA LEU A 146 19.74 -9.66 23.25
C LEU A 146 20.16 -10.22 24.61
N LYS A 147 21.07 -9.52 25.28
CA LYS A 147 21.46 -9.85 26.64
C LYS A 147 20.26 -9.75 27.57
N LYS A 148 19.55 -8.64 27.47
CA LYS A 148 18.36 -8.40 28.29
C LYS A 148 17.24 -9.40 28.03
N ALA A 149 17.13 -9.89 26.81
CA ALA A 149 16.16 -10.93 26.52
C ALA A 149 16.52 -12.18 27.30
N LEU A 150 17.62 -12.81 26.92
CA LEU A 150 18.08 -14.04 27.54
C LEU A 150 17.90 -14.04 29.06
N ILE A 151 18.36 -12.97 29.71
CA ILE A 151 18.16 -12.85 31.16
C ILE A 151 16.71 -13.10 31.57
N ALA A 152 15.81 -12.25 31.07
CA ALA A 152 14.37 -12.40 31.37
C ALA A 152 13.87 -13.82 31.15
N LEU A 153 14.40 -14.50 30.14
CA LEU A 153 14.01 -15.88 29.88
C LEU A 153 14.44 -16.74 31.05
N LYS A 154 15.68 -16.52 31.48
CA LYS A 154 16.21 -17.16 32.67
C LYS A 154 15.31 -16.90 33.87
N LYS A 155 15.06 -15.61 34.12
CA LYS A 155 14.32 -15.12 35.30
C LYS A 155 12.82 -14.98 35.04
N TYR A 156 12.22 -15.99 34.40
CA TYR A 156 10.79 -15.95 34.13
C TYR A 156 9.99 -16.68 35.20
N HIS A 157 9.07 -15.96 35.84
CA HIS A 157 8.21 -16.48 36.91
C HIS A 157 7.14 -17.44 36.41
N SER A 158 5.87 -17.09 36.63
CA SER A 158 4.76 -17.85 36.07
C SER A 158 3.74 -16.95 35.40
N GLY A 159 4.15 -16.38 34.26
CA GLY A 159 3.25 -15.64 33.41
C GLY A 159 2.70 -16.56 32.33
N PRO A 160 2.28 -15.99 31.21
CA PRO A 160 1.61 -16.71 30.14
C PRO A 160 2.56 -17.49 29.22
N ALA A 161 3.71 -16.92 28.93
CA ALA A 161 4.68 -17.58 28.08
C ALA A 161 5.23 -18.83 28.76
N SER A 162 5.08 -18.88 30.07
CA SER A 162 5.60 -19.97 30.91
C SER A 162 5.42 -21.33 30.28
N SER A 163 4.20 -21.65 29.89
CA SER A 163 3.93 -22.96 29.31
C SER A 163 4.83 -23.16 28.09
N LEU A 164 4.69 -22.28 27.10
CA LEU A 164 5.43 -22.35 25.84
C LEU A 164 6.93 -22.51 26.02
N ILE A 165 7.50 -21.74 26.96
CA ILE A 165 8.88 -21.94 27.40
C ILE A 165 9.22 -23.42 27.67
N GLU A 166 8.51 -24.04 28.59
CA GLU A 166 8.75 -25.43 28.92
C GLU A 166 8.81 -26.28 27.67
N VAL A 167 7.93 -26.00 26.73
CA VAL A 167 7.86 -26.78 25.50
C VAL A 167 9.07 -26.58 24.57
N LEU A 168 9.50 -25.34 24.41
CA LEU A 168 10.62 -25.06 23.51
C LEU A 168 11.96 -25.47 24.13
N PHE A 169 11.89 -26.16 25.26
CA PHE A 169 13.09 -26.52 26.00
C PHE A 169 12.98 -27.91 26.61
N GLY A 170 12.09 -28.73 26.08
CA GLY A 170 11.97 -30.10 26.55
C GLY A 170 11.16 -30.25 27.82
N ARG A 171 11.32 -29.31 28.75
CA ARG A 171 10.61 -29.35 30.03
C ARG A 171 9.35 -30.22 29.96
N SER A 172 8.38 -29.80 29.17
CA SER A 172 7.11 -30.51 29.03
C SER A 172 6.76 -30.63 27.55
N ALA A 173 5.87 -31.58 27.21
CA ALA A 173 5.53 -31.83 25.81
C ALA A 173 4.46 -30.88 25.31
N PRO A 174 4.14 -30.94 24.01
CA PRO A 174 3.13 -30.07 23.41
C PRO A 174 1.70 -30.44 23.80
N SER A 175 1.00 -29.54 24.47
CA SER A 175 -0.42 -29.73 24.77
C SER A 175 -1.17 -30.12 23.50
N PRO A 176 -2.29 -30.83 23.64
CA PRO A 176 -3.02 -31.37 22.49
C PRO A 176 -3.59 -30.29 21.57
N ALA A 177 -4.41 -30.70 20.62
CA ALA A 177 -5.05 -29.78 19.67
C ALA A 177 -6.23 -28.98 20.26
N SER A 178 -6.23 -27.66 20.00
CA SER A 178 -7.36 -26.78 20.37
C SER A 178 -8.57 -26.97 19.45
N GLU A 179 -8.43 -27.90 18.50
CA GLU A 179 -9.49 -28.34 17.59
C GLU A 179 -10.49 -27.25 17.25
N ILE A 180 -9.96 -26.16 16.70
CA ILE A 180 -10.79 -25.11 16.16
C ILE A 180 -11.88 -25.72 15.28
N HIS A 181 -13.08 -25.19 15.41
CA HIS A 181 -14.16 -25.58 14.55
C HIS A 181 -13.61 -25.40 13.13
N PRO A 182 -13.97 -26.30 12.20
CA PRO A 182 -13.45 -26.24 10.82
C PRO A 182 -13.47 -24.82 10.25
N LEU A 183 -12.66 -24.57 9.22
CA LEU A 183 -12.37 -23.21 8.81
C LEU A 183 -13.05 -22.77 7.52
N THR A 184 -13.68 -21.61 7.57
CA THR A 184 -14.06 -20.91 6.35
C THR A 184 -12.85 -20.05 5.97
N PHE A 185 -12.12 -20.48 4.94
CA PHE A 185 -10.95 -19.75 4.43
C PHE A 185 -11.30 -18.50 3.63
N PHE A 186 -10.55 -17.42 3.84
CA PHE A 186 -10.72 -16.22 3.01
C PHE A 186 -10.11 -16.47 1.64
N ASN A 187 -8.97 -17.15 1.65
CA ASN A 187 -8.25 -17.49 0.43
C ASN A 187 -8.66 -18.85 -0.06
N THR A 188 -9.44 -18.89 -1.13
CA THR A 188 -10.04 -20.15 -1.56
C THR A 188 -9.16 -20.99 -2.48
N CYS A 189 -8.13 -20.36 -3.04
CA CYS A 189 -7.32 -20.96 -4.10
C CYS A 189 -6.12 -21.59 -3.46
N LEU A 190 -6.11 -21.52 -2.13
CA LEU A 190 -5.15 -22.22 -1.31
C LEU A 190 -5.03 -23.71 -1.69
N ASP A 191 -3.82 -24.22 -1.70
CA ASP A 191 -3.64 -25.64 -1.95
C ASP A 191 -3.63 -26.44 -0.64
N THR A 192 -3.50 -27.75 -0.74
CA THR A 192 -3.77 -28.59 0.42
C THR A 192 -2.69 -28.58 1.48
N SER A 193 -1.44 -28.43 1.08
CA SER A 193 -0.36 -28.39 2.06
C SER A 193 -0.60 -27.16 2.90
N GLN A 194 -0.94 -26.06 2.26
CA GLN A 194 -1.12 -24.80 2.95
C GLN A 194 -2.29 -24.91 3.90
N LYS A 195 -3.28 -25.70 3.49
CA LYS A 195 -4.46 -25.92 4.32
C LYS A 195 -4.16 -26.67 5.61
N GLU A 196 -3.51 -27.84 5.52
CA GLU A 196 -3.16 -28.58 6.75
C GLU A 196 -2.29 -27.71 7.67
N ALA A 197 -1.41 -26.93 7.04
CA ALA A 197 -0.59 -25.94 7.73
C ALA A 197 -1.40 -24.92 8.53
N VAL A 198 -2.33 -24.26 7.85
CA VAL A 198 -3.11 -23.20 8.48
C VAL A 198 -3.97 -23.79 9.56
N LEU A 199 -4.70 -24.84 9.20
CA LEU A 199 -5.50 -25.61 10.13
C LEU A 199 -4.66 -25.89 11.37
N PHE A 200 -3.53 -26.56 11.15
CA PHE A 200 -2.69 -27.01 12.24
C PHE A 200 -2.15 -25.88 13.14
N ALA A 201 -1.81 -24.74 12.56
CA ALA A 201 -1.23 -23.65 13.35
C ALA A 201 -2.25 -23.16 14.39
N LEU A 202 -3.46 -22.88 13.91
CA LEU A 202 -4.51 -22.36 14.77
C LEU A 202 -4.96 -23.40 15.79
N SER A 203 -4.83 -24.67 15.45
CA SER A 203 -5.24 -25.73 16.37
C SER A 203 -4.15 -26.18 17.34
N GLN A 204 -2.98 -25.57 17.30
CA GLN A 204 -1.96 -25.90 18.29
C GLN A 204 -2.32 -25.28 19.61
N LYS A 205 -1.33 -24.82 20.36
CA LYS A 205 -1.57 -24.23 21.66
C LYS A 205 -0.29 -23.60 22.20
N GLU A 206 0.85 -24.16 21.81
CA GLU A 206 2.13 -23.55 22.15
C GLU A 206 2.96 -23.20 20.92
N LEU A 207 3.04 -24.12 19.97
CA LEU A 207 4.01 -23.95 18.91
C LEU A 207 3.60 -24.63 17.62
N ALA A 208 3.62 -23.88 16.52
CA ALA A 208 3.46 -24.45 15.18
C ALA A 208 4.57 -23.91 14.30
N ILE A 209 5.15 -24.78 13.47
CA ILE A 209 6.25 -24.36 12.60
C ILE A 209 5.94 -24.54 11.10
N ILE A 210 5.92 -23.42 10.38
CA ILE A 210 5.65 -23.49 8.95
C ILE A 210 6.97 -23.53 8.21
N HIS A 211 7.32 -24.71 7.71
CA HIS A 211 8.50 -24.84 6.89
C HIS A 211 8.12 -24.61 5.45
N GLY A 212 8.51 -23.45 4.93
CA GLY A 212 8.19 -23.05 3.58
C GLY A 212 9.38 -22.84 2.67
N PRO A 213 9.73 -23.87 1.91
CA PRO A 213 10.73 -23.93 0.83
C PRO A 213 10.54 -22.77 -0.12
N PRO A 214 11.53 -22.50 -0.99
CA PRO A 214 11.44 -21.35 -1.91
C PRO A 214 10.23 -21.44 -2.85
N GLY A 215 9.42 -20.40 -2.93
CA GLY A 215 8.28 -20.43 -3.83
C GLY A 215 6.99 -21.11 -3.36
N THR A 216 6.93 -21.63 -2.14
CA THR A 216 5.73 -22.36 -1.70
C THR A 216 4.61 -21.46 -1.17
N GLY A 217 4.83 -20.15 -1.17
CA GLY A 217 3.79 -19.23 -0.80
C GLY A 217 3.70 -19.10 0.70
N LYS A 218 4.83 -19.27 1.36
CA LYS A 218 4.87 -19.25 2.81
C LYS A 218 4.18 -18.03 3.37
N THR A 219 4.23 -16.91 2.64
CA THR A 219 3.60 -15.71 3.19
C THR A 219 2.09 -15.70 2.94
N THR A 220 1.65 -16.27 1.81
CA THR A 220 0.24 -16.49 1.63
C THR A 220 -0.24 -17.28 2.83
N THR A 221 0.50 -18.34 3.18
CA THR A 221 0.12 -19.18 4.31
C THR A 221 0.07 -18.42 5.65
N VAL A 222 1.14 -17.71 5.99
CA VAL A 222 1.14 -16.98 7.25
C VAL A 222 -0.02 -15.98 7.29
N VAL A 223 -0.14 -15.13 6.28
CA VAL A 223 -1.24 -14.15 6.25
C VAL A 223 -2.56 -14.82 6.58
N GLU A 224 -2.91 -15.87 5.84
CA GLU A 224 -4.12 -16.66 6.13
C GLU A 224 -4.23 -17.00 7.59
N ILE A 225 -3.13 -17.42 8.20
CA ILE A 225 -3.16 -17.73 9.62
C ILE A 225 -3.57 -16.50 10.40
N ILE A 226 -2.88 -15.39 10.15
CA ILE A 226 -3.15 -14.15 10.89
C ILE A 226 -4.59 -13.67 10.76
N LEU A 227 -5.19 -13.87 9.59
CA LEU A 227 -6.55 -13.44 9.36
C LEU A 227 -7.48 -14.20 10.28
N GLN A 228 -7.37 -15.51 10.28
CA GLN A 228 -8.10 -16.36 11.20
C GLN A 228 -7.93 -15.95 12.64
N ALA A 229 -6.71 -15.68 13.04
CA ALA A 229 -6.45 -15.25 14.41
C ALA A 229 -7.27 -14.00 14.79
N VAL A 230 -7.33 -13.02 13.90
CA VAL A 230 -8.11 -11.80 14.14
C VAL A 230 -9.61 -12.06 14.09
N LYS A 231 -10.02 -13.11 13.38
CA LYS A 231 -11.42 -13.48 13.34
C LYS A 231 -11.80 -14.06 14.68
N GLN A 232 -10.96 -14.92 15.22
CA GLN A 232 -11.23 -15.45 16.56
C GLN A 232 -11.12 -14.33 17.60
N GLY A 233 -10.85 -13.12 17.12
CA GLY A 233 -10.70 -11.98 18.01
C GLY A 233 -9.38 -11.93 18.77
N LEU A 234 -8.35 -12.57 18.21
CA LEU A 234 -7.01 -12.62 18.82
C LEU A 234 -6.14 -11.39 18.54
N LYS A 235 -5.31 -11.00 19.48
CA LYS A 235 -4.40 -9.90 19.28
C LYS A 235 -3.02 -10.42 18.83
N VAL A 236 -2.46 -9.87 17.76
CA VAL A 236 -1.24 -10.46 17.22
C VAL A 236 0.01 -9.58 17.30
N LEU A 237 1.14 -10.17 17.71
CA LEU A 237 2.44 -9.55 17.47
C LEU A 237 3.05 -10.31 16.32
N CYS A 238 3.50 -9.57 15.32
CA CYS A 238 4.10 -10.18 14.17
C CYS A 238 5.52 -9.63 13.99
N CYS A 239 6.51 -10.50 14.15
CA CYS A 239 7.89 -10.06 14.08
C CYS A 239 8.72 -10.84 13.09
N ALA A 240 9.87 -10.24 12.76
CA ALA A 240 10.92 -10.90 12.00
C ALA A 240 12.26 -10.22 12.30
N PRO A 241 13.37 -10.85 11.90
CA PRO A 241 14.70 -10.31 12.17
C PRO A 241 14.98 -9.02 11.41
N SER A 242 14.60 -8.96 10.13
CA SER A 242 14.86 -7.77 9.32
C SER A 242 13.62 -6.90 9.09
N ASN A 243 13.84 -5.61 8.85
CA ASN A 243 12.76 -4.71 8.45
C ASN A 243 12.11 -5.15 7.15
N ILE A 244 12.92 -5.51 6.16
CA ILE A 244 12.41 -5.94 4.85
C ILE A 244 11.33 -7.02 4.97
N ALA A 245 11.57 -8.03 5.81
CA ALA A 245 10.64 -9.15 5.98
C ALA A 245 9.35 -8.78 6.71
N VAL A 246 9.47 -7.97 7.76
CA VAL A 246 8.30 -7.44 8.44
C VAL A 246 7.43 -6.80 7.40
N ASP A 247 7.98 -5.79 6.73
CA ASP A 247 7.25 -5.01 5.74
C ASP A 247 6.64 -5.85 4.63
N ASN A 248 7.23 -6.99 4.33
CA ASN A 248 6.58 -7.93 3.44
C ASN A 248 5.18 -8.16 3.97
N LEU A 249 5.12 -8.64 5.19
CA LEU A 249 3.87 -8.95 5.86
C LEU A 249 2.99 -7.72 6.04
N VAL A 250 3.62 -6.60 6.38
CA VAL A 250 2.91 -5.36 6.58
C VAL A 250 2.19 -4.94 5.31
N GLU A 251 2.80 -5.16 4.15
CA GLU A 251 2.16 -4.73 2.92
C GLU A 251 1.12 -5.73 2.46
N ARG A 252 1.25 -6.98 2.87
CA ARG A 252 0.22 -7.97 2.58
C ARG A 252 -0.98 -7.87 3.52
N LEU A 253 -0.73 -7.52 4.77
CA LEU A 253 -1.80 -7.42 5.73
C LEU A 253 -2.64 -6.25 5.28
N ALA A 254 -1.96 -5.16 4.92
CA ALA A 254 -2.62 -3.95 4.43
C ALA A 254 -3.50 -4.16 3.19
N LEU A 255 -3.12 -5.06 2.29
CA LEU A 255 -4.01 -5.39 1.19
C LEU A 255 -5.34 -5.95 1.71
N CYS A 256 -5.29 -6.74 2.79
CA CYS A 256 -6.50 -7.37 3.36
C CYS A 256 -7.27 -6.48 4.34
N LYS A 257 -7.02 -5.17 4.22
CA LYS A 257 -7.73 -4.12 4.94
C LYS A 257 -7.49 -4.12 6.44
N GLN A 258 -6.77 -5.11 6.94
CA GLN A 258 -6.53 -5.25 8.37
C GLN A 258 -6.07 -3.98 9.09
N ARG A 259 -6.51 -3.80 10.34
CA ARG A 259 -6.05 -2.66 11.11
C ARG A 259 -4.76 -2.98 11.87
N ILE A 260 -3.67 -2.35 11.40
CA ILE A 260 -2.29 -2.73 11.72
C ILE A 260 -1.43 -1.55 12.12
N LEU A 261 -0.45 -1.79 12.98
CA LEU A 261 0.52 -0.77 13.39
C LEU A 261 1.96 -1.31 13.24
N ARG A 262 2.85 -0.52 12.65
CA ARG A 262 4.25 -0.92 12.44
C ARG A 262 5.17 -0.06 13.25
N LEU A 263 6.04 -0.68 14.04
CA LEU A 263 6.93 0.04 14.96
C LEU A 263 8.16 0.70 14.29
N GLY A 264 8.32 2.02 14.54
CA GLY A 264 9.24 2.90 13.81
C GLY A 264 10.60 2.30 13.89
N HIS A 265 11.66 2.92 13.39
CA HIS A 265 11.81 4.27 12.87
C HIS A 265 11.55 4.20 11.39
N PRO A 266 10.93 5.23 10.81
CA PRO A 266 10.40 5.07 9.45
C PRO A 266 11.45 4.98 8.32
N ALA A 267 12.67 4.58 8.66
CA ALA A 267 13.85 4.95 7.88
C ALA A 267 14.24 4.20 6.63
N ARG A 268 14.53 2.90 6.63
CA ARG A 268 14.26 1.80 7.59
C ARG A 268 12.97 1.07 7.28
N LEU A 269 12.00 1.81 6.78
CA LEU A 269 10.70 1.26 6.46
C LEU A 269 10.36 1.40 4.99
N LEU A 270 9.83 0.33 4.42
CA LEU A 270 9.33 0.35 3.07
C LEU A 270 8.54 1.65 2.87
N GLU A 271 8.82 2.37 1.80
CA GLU A 271 8.20 3.65 1.64
C GLU A 271 6.71 3.55 1.39
N SER A 272 6.28 2.44 0.79
CA SER A 272 4.88 2.28 0.43
C SER A 272 3.98 2.11 1.63
N ILE A 273 4.43 2.54 2.80
CA ILE A 273 3.89 1.97 4.03
C ILE A 273 4.20 2.79 5.28
N GLN A 274 4.98 3.85 5.09
CA GLN A 274 5.17 4.86 6.11
C GLN A 274 3.85 5.09 6.84
N GLN A 275 2.79 5.16 6.05
CA GLN A 275 1.42 5.43 6.50
C GLN A 275 1.03 4.56 7.68
N HIS A 276 1.66 3.41 7.81
CA HIS A 276 1.27 2.45 8.84
C HIS A 276 2.17 2.44 10.06
N SER A 277 3.22 3.26 10.05
CA SER A 277 4.16 3.29 11.15
C SER A 277 3.59 4.08 12.29
N LEU A 278 3.95 3.70 13.51
CA LEU A 278 3.49 4.43 14.68
C LEU A 278 3.72 5.93 14.51
N ASP A 279 4.66 6.29 13.65
CA ASP A 279 4.99 7.71 13.44
C ASP A 279 3.93 8.49 12.67
N ALA A 280 3.33 7.86 11.65
CA ALA A 280 2.28 8.49 10.86
C ALA A 280 0.95 8.58 11.61
N VAL A 281 0.50 7.45 12.13
CA VAL A 281 -0.64 7.43 13.05
C VAL A 281 -0.55 8.57 14.07
N LEU A 282 0.57 8.63 14.81
CA LEU A 282 0.77 9.71 15.77
C LEU A 282 0.75 11.10 15.15
N ALA A 283 1.02 11.22 13.85
CA ALA A 283 1.02 12.54 13.22
C ALA A 283 -0.36 12.87 12.64
N ARG A 284 -1.27 11.90 12.73
CA ARG A 284 -2.70 12.13 12.47
C ARG A 284 -3.36 12.50 13.79
N SER A 285 -2.66 13.31 14.57
CA SER A 285 -3.24 13.90 15.77
C SER A 285 -3.73 12.77 16.69
N ASP A 286 -4.27 13.13 17.85
CA ASP A 286 -4.32 14.52 18.31
C ASP A 286 -3.04 14.93 18.99
N SER A 287 -2.24 15.68 18.24
CA SER A 287 -0.89 16.03 18.65
C SER A 287 -0.43 17.24 17.86
N ALA A 288 -1.40 18.05 17.45
CA ALA A 288 -1.12 19.43 17.06
C ALA A 288 -0.98 20.19 18.36
N GLN A 289 -1.37 19.51 19.44
CA GLN A 289 -1.26 20.02 20.80
C GLN A 289 0.11 19.72 21.36
N ILE A 290 0.55 18.47 21.22
CA ILE A 290 1.83 18.02 21.76
C ILE A 290 2.97 18.74 21.05
N VAL A 291 2.76 19.05 19.78
CA VAL A 291 3.76 19.76 19.03
C VAL A 291 3.58 21.26 19.22
N ALA A 292 2.33 21.69 19.42
CA ALA A 292 2.05 23.09 19.72
C ALA A 292 2.97 23.54 20.85
N ASP A 293 3.36 22.60 21.71
CA ASP A 293 4.26 22.91 22.81
C ASP A 293 5.66 22.34 22.62
N ILE A 294 5.85 21.48 21.62
CA ILE A 294 7.22 21.09 21.29
C ILE A 294 7.97 22.40 21.09
N ARG A 295 7.26 23.41 20.59
CA ARG A 295 7.84 24.74 20.44
C ARG A 295 8.03 25.42 21.80
N LYS A 296 7.17 25.08 22.76
CA LYS A 296 7.31 25.63 24.12
C LYS A 296 8.68 25.30 24.68
N ASP A 297 8.98 24.01 24.79
CA ASP A 297 10.22 23.55 25.38
C ASP A 297 11.45 24.13 24.70
N ILE A 298 11.34 24.39 23.39
CA ILE A 298 12.43 25.00 22.64
C ILE A 298 12.51 26.53 22.91
N ASP A 299 11.44 27.07 23.49
CA ASP A 299 11.38 28.50 23.83
C ASP A 299 11.74 28.77 25.29
N GLN A 300 12.13 27.73 25.99
CA GLN A 300 12.54 27.87 27.39
C GLN A 300 13.88 27.17 27.68
N VAL A 301 14.50 26.65 26.63
CA VAL A 301 15.93 26.39 26.67
C VAL A 301 16.56 27.75 26.36
N PHE A 302 15.68 28.72 26.07
CA PHE A 302 16.06 30.09 25.78
C PHE A 302 15.95 30.99 27.00
N VAL A 303 15.33 30.48 28.07
CA VAL A 303 15.13 31.26 29.29
C VAL A 303 15.34 30.43 30.58
N LYS A 304 16.58 30.19 31.01
CA LYS A 304 17.82 30.68 30.39
C LYS A 304 17.92 32.20 30.16
N ASN A 305 19.02 32.61 29.53
CA ASN A 305 19.22 33.98 29.07
C ASN A 305 20.56 34.16 28.35
N ASN A 319 14.17 25.08 38.03
CA ASN A 319 13.35 24.05 37.42
C ASN A 319 12.30 24.67 36.50
N GLU A 320 12.54 24.60 35.20
CA GLU A 320 11.65 25.22 34.23
C GLU A 320 10.92 24.19 33.36
N ILE A 321 11.65 23.59 32.42
CA ILE A 321 11.07 22.64 31.48
C ILE A 321 10.48 21.43 32.19
N LYS A 322 11.28 20.83 33.07
CA LYS A 322 10.85 19.68 33.86
C LYS A 322 9.38 19.83 34.20
N LEU A 323 9.05 20.99 34.75
CA LEU A 323 7.69 21.31 35.14
C LEU A 323 6.65 20.75 34.17
N LEU A 324 6.92 20.85 32.87
CA LEU A 324 5.93 20.48 31.86
C LEU A 324 6.33 19.36 30.89
N ARG A 325 7.56 18.85 30.98
CA ARG A 325 7.93 17.74 30.12
C ARG A 325 7.27 16.47 30.63
N LYS A 326 6.62 16.59 31.78
CA LYS A 326 5.77 15.53 32.28
C LYS A 326 4.57 15.43 31.36
N GLU A 327 4.30 16.50 30.62
CA GLU A 327 3.12 16.58 29.76
C GLU A 327 3.31 15.79 28.47
N LEU A 328 4.50 15.86 27.90
CA LEU A 328 4.81 15.05 26.73
C LEU A 328 4.76 13.57 27.07
N LYS A 329 5.33 13.22 28.22
CA LYS A 329 5.36 11.83 28.68
C LYS A 329 3.98 11.23 28.58
N GLU A 330 3.06 11.79 29.36
CA GLU A 330 1.69 11.30 29.36
C GLU A 330 1.05 11.42 27.99
N ARG A 331 1.13 12.61 27.40
CA ARG A 331 0.50 12.81 26.09
C ARG A 331 0.96 11.76 25.08
N GLU A 332 2.25 11.73 24.80
CA GLU A 332 2.76 10.77 23.84
C GLU A 332 2.40 9.34 24.24
N GLU A 333 2.81 8.92 25.42
CA GLU A 333 2.49 7.58 25.88
C GLU A 333 1.00 7.29 25.93
N ALA A 334 0.19 8.34 25.93
CA ALA A 334 -1.25 8.18 25.93
C ALA A 334 -1.70 7.74 24.55
N ALA A 335 -1.30 8.52 23.54
CA ALA A 335 -1.67 8.25 22.16
C ALA A 335 -1.20 6.88 21.68
N MET A 336 0.10 6.59 21.85
CA MET A 336 0.65 5.32 21.33
C MET A 336 0.08 4.10 22.03
N LEU A 337 -0.34 4.28 23.28
CA LEU A 337 -1.02 3.23 24.01
C LEU A 337 -2.33 2.99 23.30
N GLU A 338 -2.98 4.08 22.92
CA GLU A 338 -4.25 4.00 22.22
C GLU A 338 -4.11 3.30 20.88
N SER A 339 -3.13 3.71 20.11
CA SER A 339 -2.89 3.16 18.78
C SER A 339 -2.54 1.69 18.82
N LEU A 340 -1.68 1.33 19.77
CA LEU A 340 -1.31 -0.06 19.97
C LEU A 340 -2.54 -0.90 20.25
N THR A 341 -3.47 -0.32 21.01
CA THR A 341 -4.67 -1.02 21.45
C THR A 341 -5.62 -1.24 20.28
N SER A 342 -5.76 -0.23 19.44
CA SER A 342 -6.77 -0.26 18.39
C SER A 342 -6.34 -1.03 17.17
N ALA A 343 -5.17 -1.66 17.22
CA ALA A 343 -4.77 -2.51 16.11
C ALA A 343 -4.99 -3.97 16.47
N ASN A 344 -5.28 -4.78 15.46
CA ASN A 344 -5.43 -6.19 15.72
C ASN A 344 -4.12 -6.91 15.53
N VAL A 345 -3.33 -6.40 14.58
CA VAL A 345 -1.99 -6.92 14.35
C VAL A 345 -0.95 -5.84 14.56
N VAL A 346 -0.02 -6.06 15.49
CA VAL A 346 1.12 -5.16 15.65
C VAL A 346 2.38 -5.84 15.09
N LEU A 347 3.16 -5.07 14.34
CA LEU A 347 4.31 -5.61 13.62
C LEU A 347 5.63 -4.90 13.95
N ALA A 348 6.70 -5.68 14.13
CA ALA A 348 8.02 -5.11 14.41
C ALA A 348 9.13 -6.10 14.16
N THR A 349 10.36 -5.60 14.08
CA THR A 349 11.53 -6.49 14.10
C THR A 349 11.61 -7.14 15.45
N ASN A 350 12.12 -8.36 15.50
CA ASN A 350 12.39 -9.03 16.77
C ASN A 350 12.92 -8.08 17.86
N THR A 351 13.91 -7.30 17.52
CA THR A 351 14.54 -6.43 18.50
C THR A 351 13.78 -5.13 18.61
N GLY A 352 12.79 -4.96 17.74
CA GLY A 352 11.92 -3.79 17.80
C GLY A 352 10.83 -3.97 18.83
N ALA A 353 10.59 -5.23 19.21
CA ALA A 353 9.59 -5.63 20.19
C ALA A 353 10.19 -5.68 21.58
N SER A 354 11.28 -4.94 21.72
CA SER A 354 12.01 -4.82 22.98
C SER A 354 11.12 -4.33 24.09
N ALA A 355 11.32 -4.85 25.29
CA ALA A 355 10.51 -4.39 26.42
C ALA A 355 10.93 -2.99 26.88
N ASP A 356 11.64 -2.25 26.02
CA ASP A 356 11.86 -0.84 26.29
C ASP A 356 11.43 0.00 25.09
N GLY A 357 10.78 -0.68 24.15
CA GLY A 357 10.13 -0.03 23.02
C GLY A 357 8.67 0.23 23.30
N PRO A 358 7.91 0.63 22.27
CA PRO A 358 6.52 0.96 22.57
C PRO A 358 5.75 -0.20 23.20
N LEU A 359 6.20 -1.43 23.02
CA LEU A 359 5.46 -2.57 23.56
C LEU A 359 5.39 -2.56 25.08
N LYS A 360 6.06 -1.58 25.70
CA LYS A 360 6.14 -1.52 27.15
C LYS A 360 4.92 -0.86 27.76
N LEU A 361 4.14 -0.18 26.93
CA LEU A 361 2.91 0.47 27.34
C LEU A 361 1.76 -0.51 27.45
N LEU A 362 1.95 -1.71 26.92
CA LEU A 362 0.94 -2.77 26.99
C LEU A 362 1.06 -3.58 28.28
N PRO A 363 -0.06 -3.85 28.95
CA PRO A 363 0.15 -4.77 30.07
C PRO A 363 0.67 -6.08 29.49
N GLU A 364 1.51 -6.80 30.21
CA GLU A 364 1.85 -8.15 29.77
C GLU A 364 0.55 -8.93 29.77
N SER A 365 0.46 -9.95 28.93
CA SER A 365 -0.80 -10.66 28.71
C SER A 365 -1.68 -9.99 27.64
N TYR A 366 -1.13 -9.00 26.93
CA TYR A 366 -1.85 -8.34 25.86
C TYR A 366 -1.93 -9.13 24.52
N PHE A 367 -0.84 -9.77 24.10
CA PHE A 367 -0.86 -10.48 22.84
C PHE A 367 -1.20 -11.95 23.06
N ASP A 368 -1.96 -12.52 22.15
CA ASP A 368 -2.36 -13.91 22.25
C ASP A 368 -1.39 -14.83 21.53
N VAL A 369 -0.99 -14.43 20.32
CA VAL A 369 -0.02 -15.20 19.55
C VAL A 369 1.09 -14.28 19.04
N VAL A 370 2.23 -14.87 18.70
CA VAL A 370 3.32 -14.14 18.07
C VAL A 370 3.85 -14.91 16.90
N VAL A 371 3.72 -14.36 15.71
CA VAL A 371 4.30 -14.99 14.53
C VAL A 371 5.69 -14.42 14.28
N ILE A 372 6.70 -15.29 14.23
CA ILE A 372 8.01 -14.89 13.73
C ILE A 372 8.23 -15.44 12.36
N ASP A 373 8.20 -14.55 11.38
CA ASP A 373 8.45 -14.96 10.01
C ASP A 373 9.96 -14.94 9.80
N GLU A 374 10.44 -15.75 8.86
CA GLU A 374 11.86 -15.82 8.56
C GLU A 374 12.65 -16.15 9.82
N CYS A 375 12.04 -16.88 10.75
CA CYS A 375 12.70 -17.26 11.99
C CYS A 375 14.03 -18.01 11.77
N ALA A 376 14.12 -18.83 10.73
CA ALA A 376 15.28 -19.69 10.55
C ALA A 376 16.49 -18.91 10.05
N GLN A 377 16.42 -17.59 10.20
CA GLN A 377 17.28 -16.67 9.51
C GLN A 377 17.66 -15.60 10.53
N ALA A 378 17.43 -15.90 11.80
CA ALA A 378 17.61 -14.92 12.87
C ALA A 378 18.22 -15.49 14.14
N LEU A 379 19.05 -14.72 14.83
CA LEU A 379 19.57 -15.22 16.10
C LEU A 379 18.40 -15.63 17.01
N GLU A 380 18.46 -16.84 17.52
CA GLU A 380 17.44 -17.34 18.42
C GLU A 380 17.20 -16.42 19.61
N ALA A 381 18.27 -15.84 20.16
CA ALA A 381 18.16 -14.89 21.28
C ALA A 381 17.30 -13.65 20.95
N SER A 382 17.31 -13.21 19.69
CA SER A 382 16.37 -12.15 19.32
C SER A 382 14.94 -12.65 19.48
N CYS A 383 14.64 -13.83 18.93
CA CYS A 383 13.32 -14.40 18.98
C CYS A 383 12.71 -14.42 20.37
N TRP A 384 13.58 -14.36 21.38
CA TRP A 384 13.15 -14.44 22.75
C TRP A 384 12.73 -13.08 23.21
N ILE A 385 13.00 -12.10 22.39
CA ILE A 385 12.50 -10.78 22.68
C ILE A 385 10.99 -10.79 22.42
N PRO A 386 10.57 -10.98 21.16
CA PRO A 386 9.12 -10.99 20.95
C PRO A 386 8.42 -12.16 21.64
N LEU A 387 9.14 -13.23 21.97
CA LEU A 387 8.49 -14.48 22.36
C LEU A 387 7.90 -14.50 23.76
N LEU A 388 8.44 -13.67 24.64
CA LEU A 388 7.96 -13.60 26.02
C LEU A 388 6.68 -12.77 26.17
N LYS A 389 5.99 -12.53 25.06
CA LYS A 389 4.86 -11.60 25.08
C LYS A 389 3.53 -12.24 24.72
N ALA A 390 3.59 -13.47 24.23
CA ALA A 390 2.40 -14.26 23.98
C ALA A 390 2.52 -15.55 24.76
N ARG A 391 1.51 -16.41 24.68
CA ARG A 391 1.58 -17.71 25.31
C ARG A 391 1.53 -18.74 24.22
N LYS A 392 1.43 -18.28 22.98
CA LYS A 392 1.53 -19.15 21.82
C LYS A 392 2.41 -18.47 20.79
N CYS A 393 3.05 -19.25 19.93
CA CYS A 393 3.75 -18.67 18.79
C CYS A 393 3.79 -19.54 17.53
N ILE A 394 3.69 -18.87 16.39
CA ILE A 394 3.88 -19.50 15.11
C ILE A 394 5.25 -19.08 14.53
N LEU A 395 6.02 -20.07 14.07
CA LEU A 395 7.34 -19.83 13.54
C LEU A 395 7.31 -20.17 12.05
N ALA A 396 7.86 -19.30 11.21
CA ALA A 396 7.89 -19.63 9.80
C ALA A 396 9.21 -19.24 9.20
N GLY A 397 9.56 -19.94 8.13
CA GLY A 397 10.79 -19.68 7.44
C GLY A 397 11.23 -20.93 6.73
N ASP A 398 12.51 -20.94 6.32
CA ASP A 398 13.14 -22.08 5.65
C ASP A 398 14.58 -22.28 6.10
N HIS A 399 14.78 -23.11 7.13
CA HIS A 399 16.10 -23.39 7.70
C HIS A 399 17.04 -24.12 6.75
N LYS A 400 16.61 -24.40 5.53
CA LYS A 400 17.53 -24.96 4.56
C LYS A 400 18.04 -23.87 3.61
N GLN A 401 17.86 -22.64 4.03
CA GLN A 401 18.50 -21.50 3.41
C GLN A 401 19.31 -20.77 4.48
N LEU A 402 19.94 -19.68 4.08
CA LEU A 402 20.88 -18.98 4.95
C LEU A 402 20.45 -18.93 6.42
N PRO A 403 21.40 -19.21 7.33
CA PRO A 403 21.20 -19.12 8.78
C PRO A 403 21.56 -17.71 9.20
N PRO A 404 21.35 -17.37 10.47
CA PRO A 404 21.78 -16.02 10.85
C PRO A 404 23.28 -15.89 10.69
N THR A 405 23.74 -14.67 10.41
CA THR A 405 25.17 -14.44 10.19
C THR A 405 25.96 -14.42 11.49
N THR A 406 27.15 -15.02 11.45
CA THR A 406 28.03 -14.97 12.61
C THR A 406 29.42 -14.47 12.21
N VAL A 407 29.90 -13.46 12.92
CA VAL A 407 31.25 -12.93 12.72
C VAL A 407 32.31 -13.80 13.41
N SER A 408 31.95 -14.33 14.59
CA SER A 408 32.80 -15.25 15.36
C SER A 408 32.66 -16.68 14.85
N HIS A 409 33.74 -17.20 14.26
CA HIS A 409 33.81 -18.58 13.83
C HIS A 409 33.55 -19.50 15.00
N LYS A 410 34.11 -19.10 16.13
CA LYS A 410 34.07 -19.86 17.37
C LYS A 410 32.66 -20.01 17.92
N ALA A 411 31.90 -18.91 17.92
CA ALA A 411 30.47 -18.96 18.24
C ALA A 411 29.69 -19.81 17.24
N ALA A 412 29.98 -19.63 15.95
CA ALA A 412 29.37 -20.42 14.87
C ALA A 412 29.46 -21.94 15.11
N LEU A 413 30.59 -22.40 15.63
CA LEU A 413 30.77 -23.81 15.95
C LEU A 413 30.01 -24.15 17.24
N ALA A 414 29.93 -23.16 18.12
CA ALA A 414 29.28 -23.34 19.40
C ALA A 414 27.75 -23.37 19.27
N GLY A 415 27.25 -22.89 18.13
CA GLY A 415 25.84 -23.02 17.82
C GLY A 415 25.00 -21.76 17.87
N LEU A 416 25.62 -20.60 17.70
CA LEU A 416 24.86 -19.36 17.52
C LEU A 416 24.14 -19.45 16.18
N SER A 417 24.84 -19.96 15.18
CA SER A 417 24.29 -20.04 13.83
C SER A 417 23.12 -20.99 13.77
N LEU A 418 22.74 -21.53 14.92
CA LEU A 418 21.54 -22.36 15.01
C LEU A 418 20.34 -21.46 15.25
N SER A 419 19.31 -21.63 14.43
CA SER A 419 18.07 -20.88 14.58
C SER A 419 17.12 -21.63 15.50
N LEU A 420 16.34 -20.87 16.28
CA LEU A 420 15.28 -21.43 17.12
C LEU A 420 14.38 -22.36 16.31
N MET A 421 14.04 -21.93 15.11
CA MET A 421 13.26 -22.75 14.20
C MET A 421 13.98 -24.06 13.79
N GLU A 422 15.23 -23.97 13.35
CA GLU A 422 16.01 -25.17 13.04
C GLU A 422 16.12 -26.12 14.25
N ARG A 423 16.60 -25.60 15.37
CA ARG A 423 16.74 -26.41 16.57
C ARG A 423 15.50 -27.24 16.83
N LEU A 424 14.37 -26.54 16.87
CA LEU A 424 13.08 -27.16 17.09
C LEU A 424 12.73 -28.12 15.98
N ALA A 425 13.01 -27.73 14.74
CA ALA A 425 12.73 -28.57 13.61
C ALA A 425 13.49 -29.87 13.74
N GLU A 426 14.74 -29.78 14.17
CA GLU A 426 15.58 -30.98 14.34
C GLU A 426 15.02 -31.85 15.47
N GLU A 427 14.73 -31.21 16.59
CA GLU A 427 14.17 -31.90 17.75
C GLU A 427 12.81 -32.53 17.45
N TYR A 428 11.79 -31.69 17.22
CA TYR A 428 10.41 -32.19 17.19
C TYR A 428 9.89 -32.85 15.88
N GLY A 429 10.41 -32.44 14.73
CA GLY A 429 9.92 -32.96 13.46
C GLY A 429 8.45 -32.64 13.18
N ALA A 430 7.76 -33.58 12.54
CA ALA A 430 6.34 -33.44 12.23
C ALA A 430 5.44 -33.39 13.47
N ARG A 431 6.02 -33.38 14.66
CA ARG A 431 5.21 -33.17 15.84
C ARG A 431 4.84 -31.68 15.93
N VAL A 432 5.65 -30.84 15.30
CA VAL A 432 5.46 -29.41 15.43
C VAL A 432 5.69 -28.68 14.11
N VAL A 433 6.02 -29.41 13.06
CA VAL A 433 6.32 -28.75 11.80
C VAL A 433 5.34 -29.18 10.74
N ARG A 434 4.79 -28.22 10.01
CA ARG A 434 4.02 -28.57 8.82
C ARG A 434 4.64 -27.85 7.63
N THR A 435 4.74 -28.57 6.52
CA THR A 435 5.69 -28.18 5.50
C THR A 435 5.04 -28.03 4.12
N LEU A 436 5.16 -26.83 3.54
CA LEU A 436 4.46 -26.50 2.30
C LEU A 436 5.16 -27.07 1.07
N THR A 437 4.40 -27.66 0.16
CA THR A 437 5.04 -28.50 -0.85
C THR A 437 4.75 -28.15 -2.30
N VAL A 438 3.64 -27.53 -2.60
CA VAL A 438 3.55 -27.04 -3.97
C VAL A 438 4.14 -25.64 -4.02
N GLN A 439 4.93 -25.41 -5.06
CA GLN A 439 5.69 -24.19 -5.22
C GLN A 439 5.29 -23.58 -6.52
N TYR A 440 5.21 -22.26 -6.54
CA TYR A 440 4.58 -21.54 -7.63
C TYR A 440 5.54 -20.60 -8.36
N ARG A 441 6.82 -20.96 -8.39
CA ARG A 441 7.80 -20.08 -9.01
C ARG A 441 8.55 -20.74 -10.16
N MET A 442 9.10 -21.91 -9.89
CA MET A 442 10.13 -22.46 -10.75
C MET A 442 9.62 -23.45 -11.78
N HIS A 443 10.27 -23.46 -12.94
CA HIS A 443 10.07 -24.49 -13.94
C HIS A 443 10.53 -25.76 -13.28
N GLN A 444 9.92 -26.89 -13.62
CA GLN A 444 10.20 -28.13 -12.89
C GLN A 444 11.68 -28.56 -12.97
N ALA A 445 12.37 -28.20 -14.05
CA ALA A 445 13.79 -28.51 -14.17
C ALA A 445 14.53 -27.94 -12.97
N ILE A 446 14.53 -26.63 -12.86
CA ILE A 446 15.11 -25.96 -11.73
C ILE A 446 14.55 -26.51 -10.42
N MET A 447 13.23 -26.68 -10.40
CA MET A 447 12.55 -27.13 -9.20
C MET A 447 13.15 -28.41 -8.65
N ARG A 448 13.37 -29.39 -9.52
CA ARG A 448 13.83 -30.70 -9.06
C ARG A 448 15.19 -30.68 -8.38
N TRP A 449 16.16 -29.96 -8.93
CA TRP A 449 17.45 -29.89 -8.25
C TRP A 449 17.24 -29.61 -6.77
N ALA A 450 16.70 -28.43 -6.46
CA ALA A 450 16.54 -28.02 -5.08
C ALA A 450 15.76 -29.07 -4.31
N SER A 451 14.66 -29.52 -4.92
CA SER A 451 13.78 -30.54 -4.35
C SER A 451 14.53 -31.83 -4.02
N ASP A 452 15.00 -32.52 -5.04
CA ASP A 452 15.72 -33.76 -4.81
C ASP A 452 16.90 -33.49 -3.90
N THR A 453 17.55 -32.34 -4.10
CA THR A 453 18.75 -31.99 -3.34
C THR A 453 18.51 -31.62 -1.87
N MET A 454 17.69 -30.60 -1.61
CA MET A 454 17.59 -30.03 -0.27
C MET A 454 16.30 -30.32 0.49
N TYR A 455 15.26 -30.75 -0.20
CA TYR A 455 13.95 -30.91 0.43
C TYR A 455 13.33 -32.30 0.21
N LEU A 456 14.15 -33.34 0.31
CA LEU A 456 13.68 -34.73 0.35
C LEU A 456 12.79 -35.20 -0.82
N GLY A 457 12.94 -34.56 -1.99
CA GLY A 457 12.20 -34.92 -3.19
C GLY A 457 10.67 -34.79 -3.11
N GLN A 458 10.19 -33.72 -2.49
CA GLN A 458 8.77 -33.53 -2.19
C GLN A 458 8.12 -32.28 -2.81
N LEU A 459 8.90 -31.34 -3.30
CA LEU A 459 8.34 -30.18 -3.97
C LEU A 459 7.56 -30.59 -5.21
N THR A 460 6.66 -29.72 -5.65
CA THR A 460 5.81 -29.96 -6.81
C THR A 460 5.53 -28.63 -7.45
N ALA A 461 5.69 -28.56 -8.78
CA ALA A 461 5.34 -27.36 -9.51
C ALA A 461 3.83 -27.20 -9.61
N HIS A 462 3.36 -25.96 -9.62
CA HIS A 462 1.96 -25.75 -9.86
C HIS A 462 1.76 -25.88 -11.35
N SER A 463 0.73 -26.62 -11.73
CA SER A 463 0.36 -26.76 -13.12
C SER A 463 0.11 -25.37 -13.72
N SER A 464 1.17 -24.62 -13.99
CA SER A 464 1.08 -23.28 -14.55
C SER A 464 2.45 -22.62 -14.62
N VAL A 465 3.41 -23.22 -13.92
CA VAL A 465 4.78 -22.73 -13.88
C VAL A 465 5.72 -23.82 -14.33
N ALA A 466 5.24 -25.05 -14.43
CA ALA A 466 6.10 -26.21 -14.62
C ALA A 466 6.72 -26.30 -16.00
N ARG A 467 6.19 -25.53 -16.94
CA ARG A 467 6.62 -25.63 -18.32
C ARG A 467 6.95 -24.26 -18.92
N HIS A 468 7.01 -23.22 -18.09
CA HIS A 468 7.19 -21.90 -18.64
C HIS A 468 8.65 -21.52 -18.80
N LEU A 469 8.91 -20.84 -19.92
CA LEU A 469 10.25 -20.46 -20.32
C LEU A 469 10.17 -19.00 -20.69
N LEU A 470 11.28 -18.38 -21.05
CA LEU A 470 11.20 -16.96 -21.36
C LEU A 470 10.51 -16.69 -22.71
N ARG A 471 10.61 -17.62 -23.66
CA ARG A 471 9.96 -17.43 -24.95
C ARG A 471 8.43 -17.29 -24.77
N ASP A 472 7.95 -17.80 -23.65
CA ASP A 472 6.54 -17.69 -23.30
C ASP A 472 6.18 -16.29 -22.79
N LEU A 473 7.17 -15.48 -22.49
CA LEU A 473 6.90 -14.10 -22.09
C LEU A 473 6.50 -13.31 -23.33
N PRO A 474 5.78 -12.19 -23.12
CA PRO A 474 5.33 -11.43 -24.29
C PRO A 474 6.37 -10.40 -24.69
N GLY A 475 6.60 -10.30 -26.00
CA GLY A 475 7.65 -9.46 -26.53
C GLY A 475 8.92 -10.29 -26.64
N VAL A 476 8.88 -11.50 -26.10
CA VAL A 476 10.08 -12.32 -26.07
C VAL A 476 10.08 -13.46 -27.08
N ALA A 477 11.01 -13.34 -28.03
CA ALA A 477 11.20 -14.29 -29.11
C ALA A 477 11.68 -15.66 -28.62
N ALA A 478 11.42 -16.69 -29.42
CA ALA A 478 11.96 -18.02 -29.15
C ALA A 478 13.41 -18.05 -29.63
N THR A 479 14.28 -18.70 -28.88
CA THR A 479 15.71 -18.52 -29.03
C THR A 479 16.41 -19.70 -28.37
N GLU A 480 17.70 -19.89 -28.65
CA GLU A 480 18.42 -20.98 -28.01
C GLU A 480 18.40 -20.85 -26.48
N GLU A 481 18.33 -19.61 -26.00
CA GLU A 481 18.41 -19.33 -24.57
C GLU A 481 17.02 -19.16 -23.97
N THR A 482 16.26 -18.24 -24.55
CA THR A 482 14.93 -17.92 -24.06
C THR A 482 14.02 -19.12 -24.13
N GLY A 483 14.54 -20.23 -24.65
CA GLY A 483 13.77 -21.46 -24.80
C GLY A 483 14.25 -22.59 -23.90
N VAL A 484 15.20 -22.30 -23.02
CA VAL A 484 15.78 -23.32 -22.13
C VAL A 484 15.81 -22.90 -20.66
N PRO A 485 15.31 -23.78 -19.77
CA PRO A 485 15.17 -23.52 -18.34
C PRO A 485 16.50 -23.47 -17.62
N LEU A 486 17.37 -24.42 -17.94
CA LEU A 486 18.72 -24.54 -17.38
C LEU A 486 19.79 -24.27 -18.44
N LEU A 487 20.97 -23.84 -18.00
CA LEU A 487 22.12 -23.61 -18.90
C LEU A 487 23.39 -23.43 -18.09
N LEU A 488 24.45 -24.13 -18.49
CA LEU A 488 25.75 -23.94 -17.84
C LEU A 488 26.87 -23.71 -18.85
N VAL A 489 27.53 -22.57 -18.75
CA VAL A 489 28.71 -22.31 -19.56
C VAL A 489 29.92 -22.51 -18.67
N ASP A 490 30.85 -23.33 -19.14
CA ASP A 490 31.99 -23.80 -18.36
C ASP A 490 33.26 -22.95 -18.47
N THR A 491 33.87 -22.62 -17.32
CA THR A 491 35.16 -21.93 -17.32
C THR A 491 36.23 -22.90 -17.82
N ALA A 492 36.17 -24.13 -17.33
CA ALA A 492 37.14 -25.16 -17.71
C ALA A 492 37.09 -25.47 -19.21
N GLY A 493 38.25 -25.74 -19.77
CA GLY A 493 39.50 -25.59 -19.05
C GLY A 493 40.23 -24.42 -19.67
N CYS A 494 39.45 -23.42 -20.09
CA CYS A 494 39.98 -22.26 -20.79
C CYS A 494 40.76 -21.35 -19.86
N GLY A 495 41.14 -21.88 -18.70
CA GLY A 495 41.91 -21.12 -17.73
C GLY A 495 41.38 -19.72 -17.48
N LEU A 496 40.11 -19.62 -17.11
CA LEU A 496 39.58 -18.37 -16.62
C LEU A 496 39.83 -18.34 -15.11
N PHE A 497 41.05 -18.01 -14.75
CA PHE A 497 41.45 -18.00 -13.36
C PHE A 497 40.92 -16.78 -12.60
N GLU A 498 40.78 -16.96 -11.29
CA GLU A 498 40.29 -15.92 -10.42
C GLU A 498 41.41 -14.94 -10.07
N LEU A 499 41.39 -14.46 -8.84
CA LEU A 499 42.38 -13.51 -8.35
C LEU A 499 41.99 -12.94 -6.97
N GLN A 505 40.42 -9.37 -0.21
CA GLN A 505 40.53 -10.83 -0.24
C GLN A 505 39.15 -11.53 -0.38
N SER A 506 38.23 -10.83 -1.04
CA SER A 506 37.10 -11.44 -1.71
C SER A 506 37.61 -11.95 -3.08
N LYS A 507 36.73 -12.45 -3.95
CA LYS A 507 37.20 -13.06 -5.20
C LYS A 507 36.49 -12.53 -6.45
N GLY A 508 37.27 -12.06 -7.43
CA GLY A 508 36.72 -11.62 -8.69
C GLY A 508 36.91 -12.67 -9.77
N ASN A 509 36.86 -12.26 -11.04
CA ASN A 509 37.02 -13.17 -12.17
C ASN A 509 36.56 -12.58 -13.50
N PRO A 510 37.45 -11.83 -14.17
CA PRO A 510 37.22 -11.14 -15.45
C PRO A 510 36.63 -12.04 -16.53
N GLY A 511 37.09 -13.29 -16.58
CA GLY A 511 36.58 -14.22 -17.56
C GLY A 511 35.08 -14.38 -17.43
N GLU A 512 34.61 -14.51 -16.19
CA GLU A 512 33.18 -14.67 -15.96
C GLU A 512 32.40 -13.37 -16.20
N VAL A 513 32.80 -12.26 -15.59
CA VAL A 513 32.17 -10.99 -15.93
C VAL A 513 31.90 -10.96 -17.42
N ARG A 514 32.97 -10.81 -18.20
CA ARG A 514 32.91 -10.90 -19.65
C ARG A 514 31.79 -11.84 -20.18
N LEU A 515 31.75 -13.08 -19.69
CA LEU A 515 30.77 -14.06 -20.15
C LEU A 515 29.30 -13.69 -19.88
N VAL A 516 28.98 -13.44 -18.61
CA VAL A 516 27.63 -12.99 -18.28
C VAL A 516 27.23 -11.90 -19.27
N SER A 517 28.04 -10.83 -19.34
CA SER A 517 27.79 -9.72 -20.24
C SER A 517 27.16 -10.15 -21.54
N LEU A 518 27.74 -11.17 -22.17
CA LEU A 518 27.32 -11.59 -23.48
C LEU A 518 25.99 -12.29 -23.41
N HIS A 519 25.88 -13.24 -22.48
CA HIS A 519 24.62 -13.91 -22.24
C HIS A 519 23.55 -12.91 -21.82
N ILE A 520 23.95 -11.89 -21.06
CA ILE A 520 23.08 -10.78 -20.74
C ILE A 520 22.57 -10.19 -22.02
N GLN A 521 23.49 -9.83 -22.91
CA GLN A 521 23.07 -9.21 -24.16
C GLN A 521 22.30 -10.15 -25.08
N ALA A 522 22.46 -11.45 -24.89
CA ALA A 522 21.71 -12.40 -25.69
C ALA A 522 20.27 -12.42 -25.22
N LEU A 523 20.08 -12.20 -23.91
CA LEU A 523 18.74 -12.17 -23.35
C LEU A 523 18.03 -10.86 -23.65
N VAL A 524 18.71 -9.75 -23.43
CA VAL A 524 18.10 -8.46 -23.70
C VAL A 524 17.80 -8.26 -25.19
N ASP A 525 18.59 -8.89 -26.06
CA ASP A 525 18.33 -8.81 -27.50
C ASP A 525 17.13 -9.68 -27.92
N ALA A 526 16.90 -10.80 -27.23
CA ALA A 526 15.79 -11.69 -27.56
C ALA A 526 14.43 -11.16 -27.07
N GLY A 527 14.45 -10.00 -26.41
CA GLY A 527 13.23 -9.42 -25.89
C GLY A 527 13.32 -9.13 -24.40
N VAL A 528 13.77 -10.12 -23.63
CA VAL A 528 13.77 -10.04 -22.18
C VAL A 528 14.20 -8.68 -21.62
N PRO A 529 13.32 -8.02 -20.86
CA PRO A 529 13.77 -6.74 -20.30
C PRO A 529 14.72 -6.96 -19.13
N ALA A 530 15.59 -5.98 -18.87
CA ALA A 530 16.57 -6.09 -17.81
C ALA A 530 15.89 -6.08 -16.45
N ARG A 531 14.75 -5.42 -16.37
CA ARG A 531 14.05 -5.35 -15.10
C ARG A 531 13.69 -6.75 -14.61
N ASP A 532 13.53 -7.68 -15.56
CA ASP A 532 13.16 -9.06 -15.24
C ASP A 532 14.37 -10.01 -15.11
N ILE A 533 15.58 -9.47 -15.11
CA ILE A 533 16.80 -10.25 -15.01
C ILE A 533 17.62 -9.79 -13.81
N ALA A 534 18.35 -10.72 -13.22
CA ALA A 534 19.24 -10.39 -12.11
C ALA A 534 20.55 -11.15 -12.24
N VAL A 535 21.65 -10.55 -11.78
CA VAL A 535 22.92 -11.26 -11.77
C VAL A 535 23.44 -11.41 -10.35
N VAL A 536 23.77 -12.64 -9.98
CA VAL A 536 24.08 -12.97 -8.59
C VAL A 536 25.37 -13.77 -8.47
N SER A 537 26.31 -13.24 -7.71
CA SER A 537 27.52 -13.98 -7.40
C SER A 537 27.68 -14.05 -5.89
N PRO A 538 28.40 -15.07 -5.40
CA PRO A 538 28.57 -15.17 -3.94
C PRO A 538 29.54 -14.13 -3.35
N TYR A 539 30.44 -13.59 -4.15
CA TYR A 539 31.44 -12.66 -3.63
C TYR A 539 31.21 -11.19 -3.98
N ASN A 540 31.38 -10.33 -2.98
CA ASN A 540 31.21 -8.89 -3.18
C ASN A 540 32.11 -8.29 -4.24
N LEU A 541 33.28 -8.91 -4.49
CA LEU A 541 34.22 -8.41 -5.50
C LEU A 541 33.65 -8.56 -6.90
N GLN A 542 33.37 -9.80 -7.26
CA GLN A 542 32.64 -10.14 -8.47
C GLN A 542 31.41 -9.24 -8.64
N VAL A 543 30.85 -8.78 -7.54
CA VAL A 543 29.69 -7.92 -7.65
C VAL A 543 30.09 -6.55 -8.16
N ASP A 544 30.93 -5.82 -7.42
CA ASP A 544 31.38 -4.52 -7.90
C ASP A 544 31.93 -4.70 -9.31
N LEU A 545 32.67 -5.78 -9.51
CA LEU A 545 33.16 -6.11 -10.82
C LEU A 545 32.01 -6.09 -11.79
N LEU A 546 31.18 -7.13 -11.74
CA LEU A 546 29.98 -7.24 -12.56
C LEU A 546 29.28 -5.88 -12.75
N ARG A 547 29.08 -5.16 -11.66
CA ARG A 547 28.45 -3.84 -11.71
C ARG A 547 29.16 -2.85 -12.63
N GLN A 548 30.47 -2.67 -12.40
CA GLN A 548 31.28 -1.77 -13.20
C GLN A 548 31.18 -1.99 -14.71
N SER A 549 30.98 -3.23 -15.10
CA SER A 549 31.01 -3.59 -16.50
C SER A 549 29.60 -3.85 -17.00
N LEU A 550 28.59 -3.29 -16.33
CA LEU A 550 27.19 -3.66 -16.59
C LEU A 550 26.18 -2.55 -16.28
N VAL A 551 26.41 -1.81 -15.20
CA VAL A 551 25.40 -0.88 -14.74
C VAL A 551 24.99 0.14 -15.81
N HIS A 552 25.92 0.52 -16.68
CA HIS A 552 25.71 1.60 -17.63
C HIS A 552 24.95 1.17 -18.87
N ARG A 553 25.04 -0.10 -19.20
CA ARG A 553 24.44 -0.63 -20.43
C ARG A 553 23.09 -1.27 -20.12
N HIS A 554 22.78 -1.34 -18.83
CA HIS A 554 21.59 -2.00 -18.36
C HIS A 554 21.19 -1.51 -16.99
N PRO A 555 20.77 -0.24 -16.91
CA PRO A 555 20.48 0.47 -15.65
C PRO A 555 19.45 -0.26 -14.76
N GLU A 556 18.48 -0.92 -15.35
CA GLU A 556 17.46 -1.56 -14.54
C GLU A 556 17.72 -3.06 -14.39
N LEU A 557 19.00 -3.40 -14.26
CA LEU A 557 19.43 -4.78 -14.06
C LEU A 557 20.08 -4.95 -12.67
N GLU A 558 19.44 -5.74 -11.82
CA GLU A 558 19.94 -5.90 -10.45
C GLU A 558 21.14 -6.83 -10.36
N ILE A 559 22.20 -6.32 -9.75
CA ILE A 559 23.44 -7.07 -9.52
C ILE A 559 23.71 -7.04 -8.04
N LYS A 560 23.80 -8.21 -7.43
CA LYS A 560 23.91 -8.30 -5.97
C LYS A 560 24.46 -9.66 -5.56
N SER A 561 24.94 -9.76 -4.34
CA SER A 561 25.39 -11.03 -3.76
C SER A 561 24.22 -11.97 -3.48
N VAL A 562 24.50 -13.21 -3.11
CA VAL A 562 23.42 -14.12 -2.78
C VAL A 562 22.83 -13.75 -1.43
N ASP A 563 23.66 -13.23 -0.55
CA ASP A 563 23.19 -12.86 0.79
C ASP A 563 22.39 -11.57 0.76
N GLY A 564 22.57 -10.78 -0.29
CA GLY A 564 21.83 -9.55 -0.43
C GLY A 564 20.64 -9.66 -1.39
N PHE A 565 20.09 -10.85 -1.50
CA PHE A 565 19.07 -11.10 -2.50
C PHE A 565 18.13 -12.21 -2.05
N GLN A 566 17.96 -12.34 -0.74
CA GLN A 566 17.12 -13.38 -0.18
C GLN A 566 15.65 -12.97 -0.31
N GLY A 567 14.80 -13.93 -0.69
CA GLY A 567 13.38 -13.69 -0.78
C GLY A 567 12.96 -13.15 -2.13
N ARG A 568 13.91 -12.53 -2.82
CA ARG A 568 13.68 -11.96 -4.13
C ARG A 568 13.48 -13.07 -5.14
N GLU A 569 12.84 -12.75 -6.27
CA GLU A 569 12.75 -13.67 -7.40
C GLU A 569 12.91 -12.91 -8.70
N LYS A 570 13.18 -13.61 -9.79
CA LYS A 570 13.25 -12.98 -11.12
C LYS A 570 12.97 -14.00 -12.19
N GLU A 571 12.52 -13.55 -13.36
CA GLU A 571 12.24 -14.44 -14.46
C GLU A 571 13.52 -15.22 -14.82
N ALA A 572 14.64 -14.51 -14.89
CA ALA A 572 15.89 -15.13 -15.29
C ALA A 572 17.06 -14.71 -14.41
N VAL A 573 17.85 -15.67 -13.96
CA VAL A 573 18.94 -15.40 -13.05
C VAL A 573 20.27 -16.00 -13.49
N ILE A 574 21.25 -15.14 -13.67
CA ILE A 574 22.60 -15.50 -14.08
C ILE A 574 23.54 -15.59 -12.87
N LEU A 575 23.98 -16.80 -12.54
CA LEU A 575 24.92 -16.98 -11.44
C LEU A 575 26.37 -16.95 -11.93
N SER A 576 27.28 -16.62 -11.01
CA SER A 576 28.69 -16.60 -11.30
C SER A 576 29.46 -17.12 -10.09
N PHE A 577 29.94 -18.36 -10.18
CA PHE A 577 30.53 -18.95 -9.00
C PHE A 577 31.93 -18.39 -8.74
N VAL A 578 32.56 -17.89 -9.79
CA VAL A 578 33.77 -17.10 -9.65
C VAL A 578 35.03 -17.92 -9.44
N ARG A 579 34.99 -18.83 -8.48
CA ARG A 579 36.13 -19.68 -8.14
C ARG A 579 36.67 -20.49 -9.31
N SER A 580 37.84 -20.07 -9.82
CA SER A 580 38.66 -20.89 -10.73
C SER A 580 40.13 -20.77 -10.32
N ASN A 581 40.70 -21.87 -9.85
CA ASN A 581 42.10 -21.94 -9.47
C ASN A 581 42.64 -23.37 -9.63
N ARG A 582 43.95 -23.51 -9.75
CA ARG A 582 44.55 -24.83 -9.90
C ARG A 582 44.55 -25.55 -8.56
N LYS A 583 44.58 -24.76 -7.49
CA LYS A 583 44.69 -25.29 -6.13
C LYS A 583 43.47 -26.12 -5.71
N GLY A 584 42.37 -25.99 -6.44
CA GLY A 584 41.12 -26.71 -6.16
C GLY A 584 40.25 -26.09 -5.08
N GLU A 585 40.44 -24.80 -4.82
CA GLU A 585 39.84 -24.11 -3.68
C GLU A 585 38.51 -23.43 -4.01
N VAL A 586 37.45 -23.85 -3.32
CA VAL A 586 36.10 -23.32 -3.57
C VAL A 586 35.71 -22.12 -2.72
N GLY A 587 36.43 -21.87 -1.64
CA GLY A 587 36.06 -20.81 -0.70
C GLY A 587 34.84 -21.24 0.08
N PHE A 588 33.91 -20.31 0.32
CA PHE A 588 32.68 -20.64 1.03
C PHE A 588 31.51 -21.03 0.13
N LEU A 589 31.78 -21.36 -1.14
CA LEU A 589 30.74 -21.92 -1.99
C LEU A 589 30.39 -23.28 -1.43
N ALA A 590 30.95 -23.59 -0.27
CA ALA A 590 30.81 -24.92 0.31
C ALA A 590 29.57 -24.97 1.16
N GLU A 591 29.33 -23.89 1.91
CA GLU A 591 28.04 -23.58 2.53
C GLU A 591 26.88 -23.91 1.56
N ASP A 592 26.33 -25.12 1.73
CA ASP A 592 25.31 -25.69 0.86
C ASP A 592 24.13 -24.73 0.66
N ARG A 593 23.58 -24.30 1.79
CA ARG A 593 22.39 -23.47 1.79
C ARG A 593 22.54 -22.23 0.91
N ARG A 594 23.73 -21.65 0.88
CA ARG A 594 23.96 -20.48 0.06
C ARG A 594 23.67 -20.82 -1.40
N ILE A 595 24.24 -21.91 -1.87
CA ILE A 595 24.08 -22.34 -3.25
C ILE A 595 22.62 -22.59 -3.60
N ASN A 596 21.95 -23.35 -2.75
CA ASN A 596 20.51 -23.61 -2.78
C ASN A 596 19.75 -22.32 -2.97
N VAL A 597 19.89 -21.43 -2.01
CA VAL A 597 19.31 -20.11 -2.12
C VAL A 597 19.51 -19.57 -3.52
N ALA A 598 20.76 -19.52 -3.94
CA ALA A 598 21.12 -18.91 -5.22
C ALA A 598 20.36 -19.46 -6.42
N VAL A 599 20.21 -20.78 -6.49
CA VAL A 599 19.66 -21.40 -7.66
C VAL A 599 18.16 -21.15 -7.69
N THR A 600 17.60 -20.98 -6.51
CA THR A 600 16.16 -21.01 -6.38
C THR A 600 15.55 -19.63 -6.61
N ARG A 601 16.35 -18.69 -7.09
CA ARG A 601 15.89 -17.31 -7.28
C ARG A 601 15.21 -17.18 -8.64
N ALA A 602 15.35 -18.21 -9.45
CA ALA A 602 14.96 -18.12 -10.84
C ALA A 602 13.57 -18.67 -11.07
N ARG A 603 12.83 -18.11 -12.01
CA ARG A 603 11.53 -18.65 -12.36
C ARG A 603 11.56 -19.51 -13.63
N ARG A 604 12.06 -18.95 -14.72
CA ARG A 604 11.98 -19.61 -16.01
C ARG A 604 13.34 -19.97 -16.56
N HIS A 605 14.39 -19.40 -15.96
CA HIS A 605 15.73 -19.53 -16.52
C HIS A 605 16.87 -19.19 -15.55
N VAL A 606 17.68 -20.19 -15.21
CA VAL A 606 18.92 -19.92 -14.47
C VAL A 606 20.14 -20.36 -15.27
N ALA A 607 21.03 -19.43 -15.58
CA ALA A 607 22.28 -19.74 -16.26
C ALA A 607 23.44 -19.62 -15.30
N VAL A 608 24.05 -20.76 -14.95
CA VAL A 608 25.21 -20.80 -14.06
C VAL A 608 26.49 -20.66 -14.86
N ILE A 609 27.41 -19.83 -14.38
CA ILE A 609 28.72 -19.71 -15.02
C ILE A 609 29.82 -19.96 -14.00
N CYS A 610 30.37 -21.17 -14.04
CA CYS A 610 31.41 -21.52 -13.10
C CYS A 610 32.57 -22.18 -13.83
N ASP A 611 33.52 -22.69 -13.04
CA ASP A 611 34.65 -23.44 -13.57
C ASP A 611 34.53 -24.92 -13.20
N SER A 612 34.07 -25.73 -14.14
CA SER A 612 33.93 -27.18 -13.94
C SER A 612 35.07 -27.81 -13.11
N ARG A 613 36.32 -27.53 -13.52
CA ARG A 613 37.56 -28.09 -12.91
C ARG A 613 37.63 -27.95 -11.40
N THR A 614 37.56 -26.70 -10.94
CA THR A 614 37.72 -26.33 -9.55
C THR A 614 36.48 -26.59 -8.70
N VAL A 615 35.33 -26.18 -9.23
CA VAL A 615 34.05 -26.26 -8.53
C VAL A 615 33.68 -27.71 -8.18
N ASN A 616 34.27 -28.66 -8.89
CA ASN A 616 33.96 -30.08 -8.68
C ASN A 616 34.53 -30.76 -7.43
N ASN A 617 35.47 -30.11 -6.75
CA ASN A 617 36.08 -30.68 -5.55
C ASN A 617 35.18 -30.60 -4.30
N HIS A 618 33.97 -30.08 -4.50
CA HIS A 618 32.93 -30.04 -3.46
C HIS A 618 31.73 -30.86 -3.92
N ALA A 619 31.37 -31.91 -3.18
CA ALA A 619 30.31 -32.84 -3.60
C ALA A 619 29.01 -32.16 -4.07
N PHE A 620 28.39 -31.41 -3.18
CA PHE A 620 27.19 -30.67 -3.52
C PHE A 620 27.41 -29.92 -4.83
N LEU A 621 28.39 -29.01 -4.83
CA LEU A 621 28.65 -28.17 -5.99
C LEU A 621 28.85 -29.00 -7.26
N LYS A 622 29.18 -30.28 -7.07
CA LYS A 622 29.47 -31.20 -8.17
C LYS A 622 28.20 -31.81 -8.69
N THR A 623 27.43 -32.41 -7.80
CA THR A 623 26.18 -33.02 -8.22
C THR A 623 25.26 -31.93 -8.83
N LEU A 624 25.58 -30.66 -8.56
CA LEU A 624 24.91 -29.55 -9.23
C LEU A 624 25.34 -29.48 -10.69
N VAL A 625 26.63 -29.32 -10.95
CA VAL A 625 27.08 -29.20 -12.33
C VAL A 625 26.73 -30.47 -13.08
N GLU A 626 26.75 -31.58 -12.35
CA GLU A 626 26.32 -32.87 -12.91
C GLU A 626 24.87 -32.78 -13.38
N TYR A 627 24.00 -32.27 -12.52
CA TYR A 627 22.61 -32.03 -12.89
C TYR A 627 22.53 -31.14 -14.12
N PHE A 628 23.20 -30.00 -14.07
CA PHE A 628 23.11 -29.04 -15.16
C PHE A 628 23.50 -29.65 -16.49
N THR A 629 24.18 -30.78 -16.43
CA THR A 629 24.67 -31.39 -17.64
C THR A 629 23.84 -32.61 -18.05
N GLN A 630 23.23 -33.27 -17.07
CA GLN A 630 22.28 -34.34 -17.41
C GLN A 630 21.07 -33.75 -18.14
N HIS A 631 20.24 -33.00 -17.40
CA HIS A 631 19.04 -32.39 -17.97
C HIS A 631 19.19 -30.91 -18.32
N GLY A 632 20.35 -30.51 -18.83
CA GLY A 632 20.58 -29.13 -19.20
C GLY A 632 21.17 -28.99 -20.59
N GLU A 633 21.25 -27.76 -21.09
CA GLU A 633 22.00 -27.52 -22.31
C GLU A 633 23.25 -26.73 -21.95
N VAL A 634 24.38 -27.43 -21.85
CA VAL A 634 25.64 -26.84 -21.41
C VAL A 634 26.51 -26.29 -22.55
N ARG A 635 27.47 -25.42 -22.19
CA ARG A 635 28.45 -24.91 -23.15
C ARG A 635 29.77 -24.66 -22.42
N THR A 636 30.78 -24.27 -23.19
CA THR A 636 32.12 -24.05 -22.65
C THR A 636 32.55 -22.67 -23.07
N ALA A 637 33.39 -22.01 -22.28
CA ALA A 637 33.73 -20.64 -22.58
C ALA A 637 34.06 -20.54 -24.06
N PHE A 638 34.63 -21.60 -24.59
CA PHE A 638 35.08 -21.63 -25.98
C PHE A 638 34.04 -21.01 -26.92
N GLU A 639 32.80 -21.50 -26.86
CA GLU A 639 31.75 -21.04 -27.77
C GLU A 639 31.52 -19.53 -27.67
N TYR A 640 31.89 -18.95 -26.53
CA TYR A 640 31.62 -17.53 -26.24
C TYR A 640 32.80 -16.58 -26.54
N LEU A 641 33.99 -16.94 -26.07
CA LEU A 641 35.13 -16.01 -26.05
C LEU A 641 36.24 -16.35 -27.06
N ASP A 642 36.88 -15.31 -27.61
CA ASP A 642 37.85 -15.49 -28.71
C ASP A 642 39.21 -16.07 -28.33
N ASP A 643 39.90 -15.43 -27.39
CA ASP A 643 41.22 -15.89 -26.94
C ASP A 643 41.11 -17.22 -26.19
N ILE A 644 41.81 -18.26 -26.66
CA ILE A 644 41.80 -19.55 -25.97
C ILE A 644 43.15 -20.30 -25.92
N VAL A 645 43.79 -20.21 -24.75
CA VAL A 645 44.99 -20.98 -24.44
C VAL A 645 44.70 -21.87 -23.23
N PRO A 646 44.57 -23.19 -23.45
CA PRO A 646 44.00 -24.11 -22.45
C PRO A 646 45.04 -24.64 -21.45
N SER B 1 -17.74 13.95 -40.23
CA SER B 1 -17.85 13.03 -39.10
C SER B 1 -19.10 13.30 -38.25
N ALA B 2 -20.27 13.10 -38.86
CA ALA B 2 -21.57 13.51 -38.30
C ALA B 2 -21.90 13.02 -36.89
N ALA B 3 -21.96 11.71 -36.71
CA ALA B 3 -22.30 11.12 -35.42
C ALA B 3 -21.53 11.75 -34.26
N VAL B 4 -20.29 12.15 -34.50
CA VAL B 4 -19.46 12.75 -33.46
C VAL B 4 -19.57 14.28 -33.46
N GLU B 5 -19.43 14.90 -34.62
CA GLU B 5 -19.60 16.33 -34.69
C GLU B 5 -20.89 16.61 -34.00
N SER B 6 -21.86 15.74 -34.22
CA SER B 6 -23.17 15.95 -33.65
C SER B 6 -23.10 15.77 -32.14
N PHE B 7 -22.53 14.66 -31.70
CA PHE B 7 -22.41 14.40 -30.28
C PHE B 7 -21.83 15.62 -29.56
N VAL B 8 -20.66 16.05 -30.00
CA VAL B 8 -19.97 17.19 -29.39
C VAL B 8 -20.87 18.41 -29.16
N THR B 9 -21.74 18.74 -30.11
CA THR B 9 -22.58 19.90 -29.91
C THR B 9 -23.71 19.64 -28.92
N LYS B 10 -24.17 18.39 -28.82
CA LYS B 10 -25.16 18.06 -27.79
C LYS B 10 -24.56 18.35 -26.41
N GLN B 11 -23.32 17.91 -26.21
CA GLN B 11 -22.63 18.02 -24.93
C GLN B 11 -22.25 19.46 -24.59
N LEU B 12 -21.68 20.16 -25.56
CA LEU B 12 -21.41 21.57 -25.39
C LEU B 12 -22.67 22.28 -24.87
N ASP B 13 -23.79 22.07 -25.55
CA ASP B 13 -25.00 22.80 -25.17
C ASP B 13 -25.47 22.47 -23.75
N LEU B 14 -25.50 21.16 -23.43
CA LEU B 14 -25.92 20.67 -22.12
C LEU B 14 -24.97 21.09 -20.99
N LEU B 15 -23.66 21.06 -21.28
CA LEU B 15 -22.67 21.60 -20.37
C LEU B 15 -23.00 23.05 -19.97
N GLU B 16 -23.52 23.83 -20.91
CA GLU B 16 -23.87 25.22 -20.66
C GLU B 16 -25.17 25.35 -19.90
N LEU B 17 -26.14 24.53 -20.29
CA LEU B 17 -27.41 24.45 -19.58
C LEU B 17 -27.11 24.08 -18.14
N GLU B 18 -26.04 23.35 -17.96
CA GLU B 18 -25.59 22.91 -16.65
C GLU B 18 -24.86 24.02 -15.88
N ARG B 19 -24.03 24.78 -16.59
CA ARG B 19 -23.30 25.91 -15.98
C ARG B 19 -24.23 27.07 -15.61
N ASP B 20 -25.27 27.31 -16.40
CA ASP B 20 -26.24 28.34 -16.05
C ASP B 20 -26.97 27.99 -14.76
N ALA B 21 -27.43 26.73 -14.66
CA ALA B 21 -28.14 26.25 -13.47
C ALA B 21 -27.28 26.28 -12.21
N GLU B 22 -26.06 25.76 -12.31
CA GLU B 22 -25.14 25.78 -11.18
C GLU B 22 -24.82 27.22 -10.81
N VAL B 23 -24.90 28.13 -11.78
CA VAL B 23 -24.56 29.52 -11.55
C VAL B 23 -25.71 30.34 -10.99
N GLU B 24 -26.94 29.89 -11.22
CA GLU B 24 -28.09 30.55 -10.62
C GLU B 24 -28.28 30.13 -9.15
N GLU B 25 -27.28 29.44 -8.61
CA GLU B 25 -27.23 29.13 -7.18
C GLU B 25 -26.08 29.92 -6.55
N ARG B 26 -25.55 30.88 -7.31
CA ARG B 26 -24.51 31.81 -6.84
C ARG B 26 -24.69 33.22 -7.46
N ARG B 27 -25.47 33.32 -8.53
CA ARG B 27 -25.88 34.62 -9.07
C ARG B 27 -27.03 35.11 -8.21
N SER B 28 -27.12 34.57 -7.01
CA SER B 28 -28.07 35.02 -5.99
C SER B 28 -27.47 34.87 -4.59
N TRP B 29 -27.49 33.64 -4.06
CA TRP B 29 -26.98 33.33 -2.72
C TRP B 29 -25.88 34.29 -2.27
N LEU B 35 -22.48 40.96 3.14
CA LEU B 35 -23.70 40.49 3.77
C LEU B 35 -23.37 39.57 4.93
N LYS B 36 -24.32 39.45 5.87
CA LYS B 36 -24.36 38.34 6.81
C LYS B 36 -25.44 37.46 6.23
N GLU B 37 -26.19 38.06 5.32
CA GLU B 37 -27.25 37.41 4.59
C GLU B 37 -26.60 36.48 3.58
N LEU B 38 -25.27 36.57 3.53
CA LEU B 38 -24.46 35.69 2.72
C LEU B 38 -23.71 34.74 3.63
N GLN B 39 -23.77 35.02 4.92
CA GLN B 39 -23.04 34.23 5.91
C GLN B 39 -23.86 33.03 6.39
N SER B 40 -25.04 33.31 6.92
CA SER B 40 -25.87 32.29 7.54
C SER B 40 -26.35 31.29 6.50
N ARG B 41 -26.52 31.77 5.28
CA ARG B 41 -27.14 30.98 4.24
C ARG B 41 -26.07 30.29 3.40
N GLY B 42 -25.05 31.03 3.00
CA GLY B 42 -24.06 30.49 2.10
C GLY B 42 -22.58 30.58 2.46
N VAL B 43 -21.80 30.85 1.41
CA VAL B 43 -20.37 30.60 1.38
C VAL B 43 -19.47 31.18 2.48
N CYS B 44 -19.94 32.14 3.25
CA CYS B 44 -19.02 32.89 4.11
C CYS B 44 -18.78 32.36 5.51
N LEU B 45 -17.54 32.51 5.96
CA LEU B 45 -17.20 32.30 7.36
C LEU B 45 -16.63 33.62 7.90
N LEU B 46 -17.43 34.34 8.68
CA LEU B 46 -17.01 35.64 9.21
C LEU B 46 -16.19 35.56 10.52
N LYS B 47 -15.64 36.70 10.94
CA LYS B 47 -15.00 36.84 12.26
C LYS B 47 -13.85 35.87 12.55
N LEU B 48 -13.01 35.62 11.56
CA LEU B 48 -11.92 34.69 11.77
C LEU B 48 -10.75 35.35 12.45
N GLN B 49 -10.10 34.60 13.32
CA GLN B 49 -8.87 34.99 13.98
C GLN B 49 -7.89 33.81 13.93
N VAL B 50 -6.71 34.02 13.34
CA VAL B 50 -5.76 32.94 13.17
C VAL B 50 -5.23 32.40 14.50
N SER B 51 -5.08 31.07 14.59
CA SER B 51 -4.72 30.42 15.84
C SER B 51 -3.57 29.40 15.70
N SER B 52 -3.46 28.80 14.53
CA SER B 52 -2.35 27.90 14.22
C SER B 52 -1.69 28.28 12.89
N GLN B 53 -0.37 28.42 12.92
CA GLN B 53 0.46 28.59 11.72
C GLN B 53 1.42 27.43 11.67
N ARG B 54 2.07 27.24 10.53
CA ARG B 54 2.85 26.04 10.33
C ARG B 54 3.15 25.84 8.85
N THR B 55 4.41 25.59 8.52
CA THR B 55 4.70 25.18 7.15
C THR B 55 4.42 23.67 7.05
N GLY B 56 3.92 23.25 5.90
CA GLY B 56 3.64 21.86 5.68
C GLY B 56 3.07 21.65 4.31
N LEU B 57 2.98 20.39 3.89
CA LEU B 57 2.18 20.01 2.73
C LEU B 57 2.25 20.95 1.53
N TYR B 58 3.35 20.99 0.78
CA TYR B 58 4.63 20.42 1.16
C TYR B 58 5.50 21.62 1.55
N GLY B 59 5.65 22.54 0.61
CA GLY B 59 6.29 23.80 0.89
C GLY B 59 5.36 24.80 1.55
N ARG B 60 4.06 24.53 1.47
CA ARG B 60 3.03 25.52 1.78
C ARG B 60 2.82 25.92 3.25
N LEU B 61 2.04 26.98 3.42
CA LEU B 61 1.65 27.52 4.73
C LEU B 61 0.22 27.10 5.14
N LEU B 62 0.12 26.17 6.11
CA LEU B 62 -1.16 25.77 6.67
C LEU B 62 -1.58 26.66 7.86
N VAL B 63 -2.60 27.47 7.66
CA VAL B 63 -3.08 28.32 8.75
C VAL B 63 -4.53 28.00 9.16
N THR B 64 -4.73 27.78 10.45
CA THR B 64 -6.06 27.50 10.99
C THR B 64 -6.69 28.75 11.59
N PHE B 65 -7.86 29.13 11.09
CA PHE B 65 -8.61 30.24 11.66
C PHE B 65 -9.80 29.72 12.45
N GLU B 66 -10.16 30.43 13.51
CA GLU B 66 -11.38 30.14 14.26
C GLU B 66 -12.30 31.36 14.31
N PRO B 67 -13.61 31.12 14.39
CA PRO B 67 -14.51 32.25 14.55
C PRO B 67 -14.49 32.73 16.00
N ARG B 68 -14.77 34.01 16.21
CA ARG B 68 -14.85 34.56 17.55
C ARG B 68 -16.08 35.45 17.69
N ARG B 69 -16.65 35.49 18.89
CA ARG B 69 -17.73 36.44 19.17
C ARG B 69 -17.48 37.10 20.52
N TYR B 70 -17.56 38.43 20.56
CA TYR B 70 -17.22 39.17 21.77
C TYR B 70 -15.89 38.68 22.34
N GLY B 71 -14.92 38.54 21.45
CA GLY B 71 -13.56 38.22 21.83
C GLY B 71 -13.25 36.77 22.17
N SER B 72 -14.26 35.95 22.40
CA SER B 72 -13.97 34.59 22.86
C SER B 72 -14.30 33.51 21.82
N ALA B 73 -13.68 32.35 22.00
CA ALA B 73 -13.85 31.19 21.11
C ALA B 73 -15.31 30.97 20.68
N ALA B 74 -15.53 30.78 19.38
CA ALA B 74 -16.86 30.58 18.83
C ALA B 74 -16.86 29.41 17.85
N ALA B 75 -17.98 28.70 17.74
CA ALA B 75 -18.06 27.62 16.75
C ALA B 75 -18.47 28.14 15.36
N LEU B 76 -18.14 27.39 14.32
CA LEU B 76 -18.52 27.79 12.97
C LEU B 76 -20.02 27.69 12.72
N PRO B 77 -20.60 28.70 12.03
CA PRO B 77 -22.00 28.65 11.58
C PRO B 77 -22.17 27.49 10.59
N SER B 78 -23.26 26.73 10.71
CA SER B 78 -23.46 25.49 9.93
C SER B 78 -22.89 25.43 8.49
N ASN B 79 -23.14 26.49 7.71
CA ASN B 79 -22.78 26.50 6.29
C ASN B 79 -21.55 25.68 5.90
N SER B 80 -20.42 26.00 6.53
CA SER B 80 -19.11 25.44 6.20
C SER B 80 -19.18 24.38 5.10
N PHE B 81 -18.39 24.55 4.05
CA PHE B 81 -18.30 23.50 3.06
C PHE B 81 -16.92 22.87 3.20
N THR B 82 -16.71 21.75 2.54
CA THR B 82 -15.66 20.82 2.90
C THR B 82 -14.37 21.10 2.17
N SER B 83 -13.40 20.21 2.40
CA SER B 83 -12.14 20.21 1.66
C SER B 83 -12.24 19.39 0.38
N GLY B 84 -11.39 19.72 -0.58
CA GLY B 84 -10.54 20.89 -0.48
C GLY B 84 -11.05 22.01 -1.37
N ASP B 85 -12.12 22.67 -0.93
CA ASP B 85 -12.68 23.85 -1.60
C ASP B 85 -11.66 25.01 -1.68
N ILE B 86 -11.92 25.98 -2.55
CA ILE B 86 -11.04 27.15 -2.68
C ILE B 86 -11.65 28.37 -2.04
N VAL B 87 -10.87 29.08 -1.22
CA VAL B 87 -11.36 30.28 -0.57
C VAL B 87 -10.51 31.48 -0.91
N GLY B 88 -11.10 32.66 -0.71
CA GLY B 88 -10.34 33.89 -0.71
C GLY B 88 -10.26 34.48 0.69
N LEU B 89 -9.05 34.79 1.14
CA LEU B 89 -8.86 35.47 2.43
C LEU B 89 -9.26 36.95 2.38
N TYR B 90 -9.72 37.48 3.51
CA TYR B 90 -10.29 38.83 3.53
C TYR B 90 -10.11 39.50 4.89
N ASP B 91 -10.32 40.82 4.94
CA ASP B 91 -10.20 41.59 6.18
C ASP B 91 -11.47 42.38 6.45
N LEU B 99 -6.42 39.84 0.98
CA LEU B 99 -6.87 38.98 -0.11
C LEU B 99 -5.76 38.06 -0.58
N ALA B 100 -6.12 36.78 -0.72
CA ALA B 100 -5.30 35.72 -1.34
C ALA B 100 -6.24 34.55 -1.65
N THR B 101 -5.73 33.44 -2.14
CA THR B 101 -6.60 32.27 -2.25
C THR B 101 -5.91 31.02 -1.75
N GLY B 102 -6.66 30.16 -1.10
CA GLY B 102 -6.10 28.93 -0.60
C GLY B 102 -7.03 27.77 -0.84
N ILE B 103 -6.56 26.60 -0.47
CA ILE B 103 -7.32 25.38 -0.54
C ILE B 103 -7.49 24.84 0.89
N LEU B 104 -8.69 24.34 1.19
CA LEU B 104 -8.96 23.89 2.53
C LEU B 104 -8.39 22.50 2.74
N THR B 105 -7.91 22.24 3.95
CA THR B 105 -7.30 20.95 4.26
C THR B 105 -8.09 20.18 5.32
N ARG B 106 -8.65 20.92 6.27
CA ARG B 106 -9.64 20.36 7.20
C ARG B 106 -10.69 21.41 7.57
N VAL B 107 -11.93 20.95 7.79
CA VAL B 107 -13.01 21.84 8.23
C VAL B 107 -13.85 21.17 9.34
N THR B 108 -13.55 21.53 10.58
CA THR B 108 -14.26 20.96 11.74
C THR B 108 -15.46 21.81 12.14
N GLN B 109 -15.82 21.75 13.41
CA GLN B 109 -16.89 22.59 13.92
C GLN B 109 -16.29 23.82 14.58
N LYS B 110 -15.05 23.70 15.00
CA LYS B 110 -14.37 24.76 15.73
C LYS B 110 -13.26 25.48 14.93
N SER B 111 -12.61 24.77 14.02
CA SER B 111 -11.57 25.42 13.22
C SER B 111 -11.59 25.11 11.73
N VAL B 112 -10.90 25.96 10.96
CA VAL B 112 -10.77 25.78 9.53
C VAL B 112 -9.33 26.09 9.16
N THR B 113 -8.63 25.09 8.58
CA THR B 113 -7.26 25.30 8.08
C THR B 113 -7.20 25.48 6.57
N VAL B 114 -6.54 26.55 6.13
CA VAL B 114 -6.32 26.75 4.70
C VAL B 114 -4.84 26.68 4.35
N ALA B 115 -4.57 26.08 3.18
CA ALA B 115 -3.20 25.97 2.68
C ALA B 115 -2.93 27.07 1.67
N PHE B 116 -1.84 27.82 1.86
CA PHE B 116 -1.52 28.95 1.00
C PHE B 116 -0.19 28.81 0.23
N ASP B 117 0.03 29.73 -0.72
CA ASP B 117 1.17 29.72 -1.67
C ASP B 117 2.44 28.98 -1.22
N LEU B 126 3.16 36.86 4.22
CA LEU B 126 2.06 37.59 4.86
C LEU B 126 2.01 37.29 6.37
N ASP B 127 1.28 38.13 7.13
CA ASP B 127 1.25 38.01 8.59
C ASP B 127 -0.04 38.49 9.27
N ARG B 128 -0.22 38.10 10.53
CA ARG B 128 -1.51 38.21 11.23
C ARG B 128 -1.37 38.81 12.65
N GLU B 129 -2.46 39.09 13.38
CA GLU B 129 -3.84 38.75 13.02
C GLU B 129 -4.92 39.74 13.50
N ASN B 130 -5.95 39.93 12.66
CA ASN B 130 -7.13 40.71 12.99
C ASN B 130 -8.37 39.85 12.82
N SER B 131 -9.36 40.41 12.11
CA SER B 131 -10.63 39.75 11.87
C SER B 131 -10.74 39.32 10.40
N TYR B 132 -10.13 38.19 10.07
CA TYR B 132 -10.19 37.70 8.71
C TYR B 132 -11.51 37.04 8.44
N ARG B 133 -11.70 36.67 7.18
CA ARG B 133 -12.93 36.07 6.73
C ARG B 133 -12.66 35.29 5.47
N LEU B 134 -13.29 34.13 5.33
CA LEU B 134 -13.07 33.28 4.17
C LEU B 134 -14.31 33.16 3.33
N LEU B 135 -14.17 33.42 2.04
CA LEU B 135 -15.27 33.36 1.09
C LEU B 135 -15.07 32.14 0.20
N LYS B 136 -16.08 31.27 0.15
CA LYS B 136 -15.98 30.12 -0.75
C LYS B 136 -16.13 30.60 -2.18
N LEU B 137 -15.22 30.15 -3.05
CA LEU B 137 -15.15 30.63 -4.44
C LEU B 137 -15.75 29.69 -5.49
N ALA B 138 -16.39 30.28 -6.49
CA ALA B 138 -16.86 29.51 -7.63
C ALA B 138 -15.70 29.19 -8.55
N ASN B 139 -15.78 28.07 -9.27
CA ASN B 139 -14.73 27.73 -10.21
C ASN B 139 -15.18 27.20 -11.58
N ASP B 140 -14.67 27.84 -12.62
CA ASP B 140 -14.93 27.53 -14.01
C ASP B 140 -14.06 26.42 -14.59
N VAL B 141 -12.98 26.06 -13.91
CA VAL B 141 -11.98 25.19 -14.51
C VAL B 141 -12.56 23.87 -15.00
N THR B 142 -13.41 23.25 -14.18
CA THR B 142 -13.98 21.96 -14.56
C THR B 142 -14.85 22.11 -15.80
N TYR B 143 -15.85 22.98 -15.71
CA TYR B 143 -16.75 23.20 -16.83
C TYR B 143 -16.13 24.19 -17.80
N ARG B 144 -14.97 23.80 -18.33
CA ARG B 144 -14.16 24.63 -19.19
C ARG B 144 -13.01 23.76 -19.66
N ARG B 145 -12.47 22.96 -18.75
CA ARG B 145 -11.59 21.91 -19.17
C ARG B 145 -12.45 20.84 -19.87
N LEU B 146 -13.72 20.79 -19.52
CA LEU B 146 -14.62 19.83 -20.14
C LEU B 146 -14.94 20.22 -21.58
N LYS B 147 -15.04 21.52 -21.83
CA LYS B 147 -15.31 22.03 -23.18
C LYS B 147 -14.11 21.72 -24.10
N LYS B 148 -12.92 22.16 -23.68
CA LYS B 148 -11.71 21.90 -24.46
C LYS B 148 -11.63 20.45 -24.89
N ALA B 149 -11.90 19.55 -23.94
CA ALA B 149 -11.82 18.12 -24.20
C ALA B 149 -12.82 17.69 -25.26
N LEU B 150 -13.98 18.36 -25.30
CA LEU B 150 -14.99 18.06 -26.32
C LEU B 150 -14.65 18.73 -27.65
N ILE B 151 -13.87 19.80 -27.60
CA ILE B 151 -13.41 20.48 -28.81
C ILE B 151 -12.24 19.74 -29.37
N ALA B 152 -11.33 19.33 -28.49
CA ALA B 152 -10.18 18.52 -28.91
C ALA B 152 -10.70 17.31 -29.69
N LEU B 153 -11.82 16.77 -29.22
CA LEU B 153 -12.48 15.64 -29.87
C LEU B 153 -13.05 16.02 -31.25
N LYS B 154 -13.62 17.21 -31.36
CA LYS B 154 -14.08 17.73 -32.65
C LYS B 154 -12.89 17.82 -33.63
N LYS B 155 -11.70 18.12 -33.12
CA LYS B 155 -10.57 18.43 -33.98
C LYS B 155 -9.57 17.29 -34.17
N TYR B 156 -9.97 16.03 -33.92
CA TYR B 156 -9.00 14.93 -33.90
C TYR B 156 -8.56 14.42 -35.27
N HIS B 157 -7.25 14.47 -35.52
CA HIS B 157 -6.65 14.10 -36.82
C HIS B 157 -6.57 12.60 -37.12
N SER B 158 -5.36 12.08 -37.31
CA SER B 158 -5.16 10.65 -37.51
C SER B 158 -4.19 10.09 -36.47
N GLY B 159 -4.41 10.47 -35.22
CA GLY B 159 -3.59 9.97 -34.13
C GLY B 159 -4.06 8.60 -33.66
N PRO B 160 -3.27 7.99 -32.75
CA PRO B 160 -3.57 6.74 -32.05
C PRO B 160 -5.06 6.60 -31.73
N ALA B 161 -5.60 7.57 -31.02
CA ALA B 161 -6.99 7.53 -30.61
C ALA B 161 -7.95 7.12 -31.72
N SER B 162 -7.65 7.54 -32.94
CA SER B 162 -8.65 7.55 -34.01
C SER B 162 -9.48 6.26 -34.17
N SER B 163 -8.89 5.10 -33.88
CA SER B 163 -9.66 3.87 -33.94
C SER B 163 -10.61 3.77 -32.75
N LEU B 164 -10.11 4.15 -31.58
CA LEU B 164 -10.92 4.16 -30.36
C LEU B 164 -12.15 5.02 -30.59
N ILE B 165 -11.91 6.21 -31.15
CA ILE B 165 -12.99 7.16 -31.37
C ILE B 165 -14.00 6.64 -32.38
N GLU B 166 -13.53 6.02 -33.45
CA GLU B 166 -14.44 5.36 -34.37
C GLU B 166 -15.27 4.30 -33.64
N VAL B 167 -14.65 3.59 -32.69
CA VAL B 167 -15.37 2.53 -32.00
C VAL B 167 -16.38 3.07 -31.00
N LEU B 168 -15.99 4.09 -30.25
CA LEU B 168 -16.88 4.66 -29.23
C LEU B 168 -18.07 5.40 -29.83
N PHE B 169 -18.18 5.36 -31.16
CA PHE B 169 -19.26 6.04 -31.89
C PHE B 169 -19.95 5.14 -32.92
N GLY B 170 -19.43 3.94 -33.09
CA GLY B 170 -20.05 2.97 -33.97
C GLY B 170 -19.91 3.33 -35.44
N ARG B 171 -18.85 4.07 -35.75
CA ARG B 171 -18.46 4.28 -37.14
C ARG B 171 -17.79 3.01 -37.63
N SER B 172 -16.82 2.52 -36.86
CA SER B 172 -16.11 1.28 -37.13
C SER B 172 -16.41 0.28 -36.01
N ALA B 173 -16.31 -1.01 -36.30
CA ALA B 173 -16.59 -2.02 -35.28
C ALA B 173 -15.31 -2.41 -34.52
N PRO B 174 -15.48 -3.10 -33.38
CA PRO B 174 -14.36 -3.51 -32.54
C PRO B 174 -13.53 -4.57 -33.22
N SER B 175 -12.26 -4.26 -33.50
CA SER B 175 -11.33 -5.19 -34.11
C SER B 175 -11.34 -6.51 -33.34
N PRO B 176 -11.03 -7.61 -34.03
CA PRO B 176 -11.04 -8.93 -33.39
C PRO B 176 -9.92 -9.06 -32.35
N ALA B 177 -10.21 -9.83 -31.30
CA ALA B 177 -9.29 -9.99 -30.19
C ALA B 177 -8.06 -10.76 -30.59
N SER B 178 -6.94 -10.42 -29.96
CA SER B 178 -5.70 -11.16 -30.15
C SER B 178 -5.64 -12.42 -29.28
N GLU B 179 -4.78 -13.35 -29.68
CA GLU B 179 -4.50 -14.57 -28.92
C GLU B 179 -3.34 -14.33 -27.96
N ILE B 180 -3.66 -14.06 -26.70
CA ILE B 180 -2.62 -13.82 -25.69
C ILE B 180 -2.05 -15.12 -25.10
N HIS B 181 -0.72 -15.23 -25.10
CA HIS B 181 -0.05 -16.28 -24.35
C HIS B 181 -0.85 -16.42 -23.06
N PRO B 182 -1.35 -17.64 -22.78
CA PRO B 182 -2.05 -17.85 -21.51
C PRO B 182 -1.31 -17.15 -20.36
N LEU B 183 -2.05 -16.60 -19.40
CA LEU B 183 -1.49 -15.67 -18.42
C LEU B 183 -1.05 -16.31 -17.12
N THR B 184 0.02 -15.76 -16.54
CA THR B 184 0.35 -16.06 -15.15
C THR B 184 -0.14 -14.87 -14.33
N PHE B 185 -1.00 -15.10 -13.36
CA PHE B 185 -1.61 -13.97 -12.65
C PHE B 185 -0.76 -13.56 -11.46
N PHE B 186 -0.71 -12.26 -11.17
CA PHE B 186 0.07 -11.77 -10.05
C PHE B 186 -0.60 -12.06 -8.73
N ASN B 187 -1.92 -12.13 -8.77
CA ASN B 187 -2.73 -12.45 -7.62
C ASN B 187 -3.08 -13.92 -7.77
N THR B 188 -2.36 -14.81 -7.09
CA THR B 188 -2.67 -16.24 -7.19
C THR B 188 -3.79 -16.53 -6.19
N CYS B 189 -4.97 -16.00 -6.50
CA CYS B 189 -6.01 -15.85 -5.51
C CYS B 189 -7.37 -15.54 -6.17
N LEU B 190 -7.34 -15.17 -7.46
CA LEU B 190 -8.50 -14.75 -8.28
C LEU B 190 -9.64 -15.73 -8.49
N ASP B 191 -10.86 -15.21 -8.59
CA ASP B 191 -11.98 -16.07 -8.96
C ASP B 191 -12.24 -16.14 -10.46
N THR B 192 -13.19 -16.96 -10.86
CA THR B 192 -13.30 -17.32 -12.26
C THR B 192 -13.70 -16.19 -13.19
N SER B 193 -14.79 -15.50 -12.87
CA SER B 193 -15.20 -14.40 -13.73
C SER B 193 -14.12 -13.32 -13.72
N GLN B 194 -13.41 -13.16 -12.61
CA GLN B 194 -12.24 -12.28 -12.58
C GLN B 194 -11.21 -12.65 -13.66
N LYS B 195 -10.71 -13.89 -13.60
CA LYS B 195 -9.69 -14.36 -14.53
C LYS B 195 -10.06 -14.07 -15.99
N GLU B 196 -11.36 -14.07 -16.27
CA GLU B 196 -11.84 -13.92 -17.64
C GLU B 196 -11.80 -12.47 -18.09
N ALA B 197 -12.09 -11.57 -17.16
CA ALA B 197 -12.16 -10.17 -17.47
C ALA B 197 -10.76 -9.69 -17.77
N VAL B 198 -9.82 -10.07 -16.91
CA VAL B 198 -8.42 -9.71 -17.15
C VAL B 198 -7.94 -10.21 -18.52
N LEU B 199 -8.12 -11.50 -18.80
CA LEU B 199 -7.73 -12.06 -20.09
C LEU B 199 -8.42 -11.38 -21.25
N PHE B 200 -9.74 -11.33 -21.19
CA PHE B 200 -10.53 -10.72 -22.23
C PHE B 200 -10.12 -9.26 -22.42
N ALA B 201 -9.76 -8.59 -21.34
CA ALA B 201 -9.44 -7.17 -21.43
C ALA B 201 -8.13 -6.97 -22.15
N LEU B 202 -7.13 -7.78 -21.81
CA LEU B 202 -5.79 -7.55 -22.33
C LEU B 202 -5.75 -7.96 -23.79
N SER B 203 -6.75 -8.73 -24.20
CA SER B 203 -6.80 -9.25 -25.54
C SER B 203 -7.50 -8.25 -26.46
N GLN B 204 -8.44 -7.50 -25.91
CA GLN B 204 -9.14 -6.51 -26.71
C GLN B 204 -8.20 -5.45 -27.27
N LYS B 205 -8.66 -4.77 -28.32
CA LYS B 205 -7.78 -3.97 -29.14
C LYS B 205 -8.01 -2.46 -28.99
N GLU B 206 -9.23 -2.08 -28.61
CA GLU B 206 -9.59 -0.66 -28.53
C GLU B 206 -10.23 -0.32 -27.21
N LEU B 207 -11.09 -1.20 -26.76
CA LEU B 207 -11.94 -0.93 -25.63
C LEU B 207 -12.31 -2.22 -24.91
N ALA B 208 -12.32 -2.17 -23.58
CA ALA B 208 -12.89 -3.23 -22.76
C ALA B 208 -13.67 -2.57 -21.63
N ILE B 209 -14.74 -3.25 -21.18
CA ILE B 209 -15.60 -2.73 -20.11
C ILE B 209 -15.76 -3.71 -18.97
N ILE B 210 -15.32 -3.31 -17.78
CA ILE B 210 -15.38 -4.21 -16.63
C ILE B 210 -16.58 -3.90 -15.77
N HIS B 211 -17.63 -4.72 -15.86
CA HIS B 211 -18.84 -4.45 -15.10
C HIS B 211 -18.73 -5.07 -13.71
N GLY B 212 -18.26 -4.29 -12.75
CA GLY B 212 -18.17 -4.76 -11.37
C GLY B 212 -19.32 -4.35 -10.45
N PRO B 213 -20.28 -5.26 -10.23
CA PRO B 213 -21.36 -5.04 -9.28
C PRO B 213 -20.76 -4.95 -7.89
N PRO B 214 -21.56 -4.54 -6.90
CA PRO B 214 -21.20 -4.33 -5.49
C PRO B 214 -20.57 -5.55 -4.83
N GLY B 215 -19.43 -5.37 -4.18
CA GLY B 215 -18.76 -6.46 -3.51
C GLY B 215 -17.93 -7.36 -4.40
N THR B 216 -17.99 -7.17 -5.70
CA THR B 216 -17.23 -8.01 -6.61
C THR B 216 -15.78 -7.49 -6.63
N GLY B 217 -15.61 -6.22 -6.34
CA GLY B 217 -14.27 -5.67 -6.35
C GLY B 217 -13.63 -5.76 -7.74
N LYS B 218 -13.82 -4.69 -8.51
CA LYS B 218 -13.21 -4.55 -9.80
C LYS B 218 -11.81 -4.03 -9.63
N THR B 219 -11.51 -3.60 -8.42
CA THR B 219 -10.21 -3.05 -8.09
C THR B 219 -9.14 -4.16 -8.13
N THR B 220 -9.36 -5.25 -7.43
CA THR B 220 -8.48 -6.41 -7.60
C THR B 220 -8.28 -6.65 -9.08
N THR B 221 -9.33 -6.41 -9.85
CA THR B 221 -9.32 -6.74 -11.27
C THR B 221 -8.62 -5.67 -12.11
N VAL B 222 -8.97 -4.42 -11.87
CA VAL B 222 -8.38 -3.30 -12.60
C VAL B 222 -6.88 -3.25 -12.34
N VAL B 223 -6.49 -3.61 -11.12
CA VAL B 223 -5.09 -3.54 -10.70
C VAL B 223 -4.27 -4.70 -11.25
N GLU B 224 -4.94 -5.63 -11.92
CA GLU B 224 -4.27 -6.75 -12.54
C GLU B 224 -4.18 -6.52 -14.03
N ILE B 225 -5.19 -5.87 -14.59
CA ILE B 225 -5.11 -5.48 -15.98
C ILE B 225 -3.82 -4.69 -16.07
N ILE B 226 -3.72 -3.66 -15.23
CA ILE B 226 -2.60 -2.74 -15.30
C ILE B 226 -1.23 -3.38 -15.00
N LEU B 227 -1.22 -4.29 -14.05
CA LEU B 227 0.00 -4.99 -13.69
C LEU B 227 0.50 -5.76 -14.88
N GLN B 228 -0.42 -6.34 -15.62
CA GLN B 228 -0.08 -7.00 -16.86
C GLN B 228 0.43 -5.96 -17.85
N ALA B 229 -0.35 -4.89 -17.99
CA ALA B 229 0.03 -3.82 -18.91
C ALA B 229 1.49 -3.40 -18.69
N VAL B 230 1.93 -3.35 -17.43
CA VAL B 230 3.28 -2.87 -17.12
C VAL B 230 4.32 -3.96 -17.35
N LYS B 231 3.93 -5.22 -17.21
CA LYS B 231 4.89 -6.31 -17.32
C LYS B 231 5.28 -6.52 -18.76
N GLN B 232 4.57 -5.85 -19.65
CA GLN B 232 4.91 -5.91 -21.06
C GLN B 232 5.44 -4.57 -21.49
N GLY B 233 6.09 -3.87 -20.55
CA GLY B 233 6.63 -2.55 -20.84
C GLY B 233 5.65 -1.49 -21.33
N LEU B 234 4.35 -1.73 -21.15
CA LEU B 234 3.34 -0.73 -21.52
C LEU B 234 3.21 0.34 -20.46
N LYS B 235 2.99 1.57 -20.92
CA LYS B 235 2.80 2.71 -20.01
C LYS B 235 1.32 3.08 -19.87
N VAL B 236 0.87 3.16 -18.63
CA VAL B 236 -0.55 3.30 -18.33
C VAL B 236 -0.95 4.67 -17.76
N LEU B 237 -2.01 5.24 -18.32
CA LEU B 237 -2.64 6.42 -17.75
C LEU B 237 -3.96 6.04 -17.08
N CYS B 238 -4.01 6.19 -15.76
CA CYS B 238 -5.09 5.66 -14.98
C CYS B 238 -5.86 6.81 -14.38
N CYS B 239 -7.16 6.84 -14.63
CA CYS B 239 -7.99 7.96 -14.17
C CYS B 239 -9.28 7.53 -13.50
N ALA B 240 -9.84 8.47 -12.74
CA ALA B 240 -11.19 8.38 -12.23
C ALA B 240 -11.75 9.79 -12.03
N PRO B 241 -13.07 9.92 -12.00
CA PRO B 241 -13.65 11.26 -11.92
C PRO B 241 -13.52 11.91 -10.55
N SER B 242 -13.30 11.12 -9.50
CA SER B 242 -13.04 11.71 -8.19
C SER B 242 -11.67 11.35 -7.65
N ASN B 243 -11.17 12.16 -6.73
CA ASN B 243 -9.86 11.89 -6.16
C ASN B 243 -9.89 10.60 -5.37
N ILE B 244 -11.01 10.33 -4.70
CA ILE B 244 -11.09 9.12 -3.88
C ILE B 244 -11.00 7.89 -4.76
N ALA B 245 -11.76 7.87 -5.83
CA ALA B 245 -11.73 6.79 -6.79
C ALA B 245 -10.31 6.49 -7.27
N VAL B 246 -9.52 7.54 -7.45
CA VAL B 246 -8.17 7.44 -7.97
C VAL B 246 -7.25 6.89 -6.90
N ASP B 247 -7.37 7.46 -5.70
CA ASP B 247 -6.44 7.18 -4.60
C ASP B 247 -6.66 5.82 -4.05
N ASN B 248 -7.82 5.26 -4.32
CA ASN B 248 -8.02 3.87 -4.01
C ASN B 248 -7.05 3.05 -4.87
N LEU B 249 -6.97 3.43 -6.12
CA LEU B 249 -6.21 2.66 -7.09
C LEU B 249 -4.72 2.84 -6.83
N VAL B 250 -4.33 4.05 -6.46
CA VAL B 250 -2.94 4.31 -6.14
C VAL B 250 -2.46 3.42 -5.00
N GLU B 251 -3.20 3.46 -3.89
CA GLU B 251 -2.90 2.70 -2.68
C GLU B 251 -2.61 1.26 -3.00
N ARG B 252 -3.49 0.64 -3.75
CA ARG B 252 -3.29 -0.74 -4.15
C ARG B 252 -2.02 -0.91 -4.98
N LEU B 253 -1.83 -0.03 -5.95
CA LEU B 253 -0.68 -0.12 -6.83
C LEU B 253 0.63 -0.02 -6.02
N ALA B 254 0.70 0.95 -5.11
CA ALA B 254 1.86 1.07 -4.20
C ALA B 254 2.21 -0.23 -3.50
N LEU B 255 1.20 -0.96 -3.06
CA LEU B 255 1.48 -2.16 -2.31
C LEU B 255 1.98 -3.27 -3.23
N CYS B 256 1.52 -3.24 -4.48
CA CYS B 256 1.98 -4.21 -5.47
C CYS B 256 3.36 -3.82 -6.00
N LYS B 257 4.08 -3.01 -5.25
CA LYS B 257 5.50 -2.76 -5.50
C LYS B 257 5.82 -1.97 -6.77
N GLN B 258 4.82 -1.28 -7.33
CA GLN B 258 4.98 -0.64 -8.66
C GLN B 258 5.56 0.77 -8.66
N ARG B 259 6.03 1.17 -9.84
CA ARG B 259 6.59 2.51 -10.04
C ARG B 259 5.44 3.35 -10.53
N ILE B 260 4.93 4.25 -9.70
CA ILE B 260 3.72 5.01 -10.03
C ILE B 260 3.89 6.46 -9.67
N LEU B 261 3.01 7.30 -10.18
CA LEU B 261 2.99 8.70 -9.78
C LEU B 261 1.58 9.27 -9.85
N ARG B 262 1.23 10.01 -8.80
CA ARG B 262 -0.10 10.60 -8.61
C ARG B 262 -0.06 12.13 -8.82
N LEU B 263 -0.96 12.65 -9.65
CA LEU B 263 -1.02 14.09 -9.92
C LEU B 263 -2.13 14.79 -9.14
N GLY B 264 -1.89 16.04 -8.78
CA GLY B 264 -2.94 16.84 -8.17
C GLY B 264 -2.45 17.43 -6.86
N HIS B 265 -3.08 18.53 -6.47
CA HIS B 265 -2.73 19.19 -5.23
C HIS B 265 -2.89 18.25 -4.05
N PRO B 266 -1.92 18.23 -3.15
CA PRO B 266 -2.04 17.24 -2.09
C PRO B 266 -3.09 17.57 -1.04
N ALA B 267 -3.72 18.73 -1.12
CA ALA B 267 -4.80 18.99 -0.17
C ALA B 267 -5.91 17.95 -0.38
N ARG B 268 -6.00 17.44 -1.59
CA ARG B 268 -7.05 16.50 -1.97
C ARG B 268 -6.59 15.05 -1.84
N LEU B 269 -5.64 14.88 -0.92
CA LEU B 269 -4.82 13.70 -0.70
C LEU B 269 -5.46 12.34 -0.45
N LEU B 270 -5.62 12.04 0.84
CA LEU B 270 -5.53 10.72 1.44
C LEU B 270 -4.11 10.60 2.02
N GLU B 271 -3.99 10.59 3.35
CA GLU B 271 -2.71 10.58 4.06
C GLU B 271 -1.72 9.58 3.51
N SER B 272 -2.19 8.35 3.27
CA SER B 272 -1.38 7.33 2.66
C SER B 272 -1.04 7.90 1.32
N ILE B 273 -0.68 7.06 0.37
CA ILE B 273 -0.74 7.50 -1.01
C ILE B 273 -0.02 8.84 -1.29
N GLN B 274 0.29 9.61 -0.27
CA GLN B 274 0.74 10.97 -0.48
C GLN B 274 2.21 11.16 -0.82
N GLN B 275 3.02 10.16 -0.49
CA GLN B 275 4.43 10.17 -0.83
C GLN B 275 4.58 9.75 -2.29
N HIS B 276 3.47 9.42 -2.93
CA HIS B 276 3.51 9.00 -4.33
C HIS B 276 3.10 10.11 -5.27
N SER B 277 2.96 11.33 -4.75
CA SER B 277 2.46 12.42 -5.58
C SER B 277 3.58 13.21 -6.24
N LEU B 278 3.21 13.97 -7.26
CA LEU B 278 4.13 14.75 -8.08
C LEU B 278 4.85 15.76 -7.21
N ASP B 279 4.13 16.34 -6.27
CA ASP B 279 4.72 17.30 -5.34
C ASP B 279 5.73 16.61 -4.44
N ALA B 280 5.36 15.44 -3.95
CA ALA B 280 6.23 14.70 -3.03
C ALA B 280 7.50 14.22 -3.73
N VAL B 281 7.37 13.90 -5.01
CA VAL B 281 8.49 13.42 -5.77
C VAL B 281 9.43 14.57 -6.07
N LEU B 282 8.88 15.77 -6.25
CA LEU B 282 9.70 16.93 -6.58
C LEU B 282 10.49 17.42 -5.37
N ALA B 283 10.15 16.91 -4.20
CA ALA B 283 10.87 17.31 -3.01
C ALA B 283 12.10 16.42 -2.74
N ARG B 284 12.45 15.58 -3.71
CA ARG B 284 13.53 14.61 -3.52
C ARG B 284 14.66 14.77 -4.54
N SER B 285 14.30 14.90 -5.80
CA SER B 285 15.28 15.32 -6.77
C SER B 285 15.75 16.70 -6.34
N ASP B 286 16.99 17.02 -6.72
CA ASP B 286 17.59 18.32 -6.43
C ASP B 286 16.67 19.51 -6.70
N SER B 287 16.26 20.16 -5.61
CA SER B 287 15.39 21.31 -5.74
C SER B 287 15.36 22.23 -4.51
N ALA B 288 16.38 22.14 -3.66
CA ALA B 288 16.76 23.27 -2.81
C ALA B 288 17.05 24.36 -3.81
N GLN B 289 17.23 23.90 -5.05
CA GLN B 289 17.40 24.69 -6.25
C GLN B 289 16.15 25.48 -6.58
N ILE B 290 15.12 24.75 -7.04
CA ILE B 290 13.85 25.37 -7.43
C ILE B 290 13.24 26.18 -6.29
N VAL B 291 13.56 25.78 -5.07
CA VAL B 291 13.02 26.41 -3.87
C VAL B 291 13.89 27.60 -3.46
N ALA B 292 15.13 27.62 -3.95
CA ALA B 292 15.98 28.79 -3.81
C ALA B 292 15.51 29.83 -4.83
N ASP B 293 15.33 29.39 -6.07
CA ASP B 293 14.78 30.26 -7.12
C ASP B 293 13.51 30.91 -6.64
N ILE B 294 12.67 30.12 -5.95
CA ILE B 294 11.40 30.59 -5.43
C ILE B 294 11.58 31.81 -4.52
N ARG B 295 12.09 31.60 -3.32
CA ARG B 295 12.21 32.68 -2.35
C ARG B 295 13.09 33.80 -2.91
N LYS B 296 14.13 33.42 -3.64
CA LYS B 296 15.06 34.39 -4.20
C LYS B 296 14.35 35.49 -4.97
N ASP B 297 13.16 35.19 -5.48
CA ASP B 297 12.41 36.12 -6.32
C ASP B 297 11.20 36.72 -5.64
N ILE B 298 10.66 36.03 -4.64
CA ILE B 298 9.59 36.63 -3.84
C ILE B 298 10.24 37.63 -2.89
N ASP B 299 11.52 37.40 -2.59
CA ASP B 299 12.29 38.31 -1.74
C ASP B 299 12.39 39.67 -2.41
N GLN B 300 12.38 39.64 -3.74
CA GLN B 300 12.48 40.85 -4.55
C GLN B 300 11.07 41.36 -4.88
N VAL B 301 10.31 41.71 -3.83
CA VAL B 301 8.96 42.21 -4.02
C VAL B 301 8.61 43.26 -2.97
N ARG B 318 9.10 45.47 -12.49
CA ARG B 318 8.37 44.24 -12.76
C ARG B 318 9.16 43.32 -13.69
N ASN B 319 10.20 43.87 -14.32
CA ASN B 319 10.99 43.12 -15.29
C ASN B 319 11.95 42.13 -14.64
N GLU B 320 12.05 42.18 -13.32
CA GLU B 320 13.04 41.36 -12.61
C GLU B 320 12.52 39.96 -12.28
N ILE B 321 11.20 39.81 -12.24
CA ILE B 321 10.55 38.51 -12.01
C ILE B 321 10.33 37.70 -13.29
N LYS B 322 9.88 38.39 -14.34
CA LYS B 322 9.55 37.75 -15.61
C LYS B 322 10.64 36.75 -16.04
N LEU B 323 11.87 37.23 -16.13
CA LEU B 323 13.00 36.39 -16.52
C LEU B 323 13.39 35.38 -15.45
N LEU B 324 12.85 35.58 -14.24
CA LEU B 324 13.04 34.63 -13.14
C LEU B 324 12.12 33.43 -13.35
N ARG B 325 10.86 33.72 -13.67
CA ARG B 325 9.90 32.70 -14.08
C ARG B 325 10.58 31.74 -15.06
N LYS B 326 11.02 32.28 -16.20
CA LYS B 326 11.58 31.48 -17.30
C LYS B 326 12.42 30.29 -16.86
N GLU B 327 13.15 30.45 -15.76
CA GLU B 327 14.09 29.42 -15.30
C GLU B 327 13.44 28.41 -14.37
N LEU B 328 12.69 28.92 -13.41
CA LEU B 328 11.93 28.10 -12.48
C LEU B 328 10.90 27.29 -13.24
N LYS B 329 10.40 27.86 -14.33
CA LYS B 329 9.56 27.15 -15.27
C LYS B 329 10.39 26.02 -15.88
N GLU B 330 11.50 26.38 -16.52
CA GLU B 330 12.33 25.39 -17.20
C GLU B 330 12.61 24.24 -16.25
N ARG B 331 12.98 24.57 -15.02
CA ARG B 331 13.46 23.56 -14.08
C ARG B 331 12.35 22.70 -13.44
N GLU B 332 11.21 23.31 -13.09
CA GLU B 332 10.08 22.52 -12.63
C GLU B 332 9.66 21.58 -13.76
N GLU B 333 9.14 22.15 -14.85
CA GLU B 333 8.77 21.36 -16.01
C GLU B 333 9.84 20.36 -16.41
N ALA B 334 11.08 20.61 -16.01
CA ALA B 334 12.19 19.69 -16.30
C ALA B 334 12.14 18.51 -15.34
N ALA B 335 11.96 18.81 -14.07
CA ALA B 335 11.90 17.79 -13.04
C ALA B 335 10.63 16.93 -13.17
N MET B 336 9.56 17.52 -13.71
CA MET B 336 8.30 16.83 -13.89
C MET B 336 8.38 15.88 -15.07
N LEU B 337 8.92 16.37 -16.18
CA LEU B 337 9.10 15.52 -17.34
C LEU B 337 9.87 14.24 -16.96
N GLU B 338 10.88 14.41 -16.12
CA GLU B 338 11.68 13.28 -15.66
C GLU B 338 10.85 12.31 -14.82
N SER B 339 10.12 12.84 -13.85
CA SER B 339 9.24 12.03 -13.02
C SER B 339 8.14 11.35 -13.86
N LEU B 340 7.63 12.03 -14.88
CA LEU B 340 6.56 11.48 -15.69
C LEU B 340 7.01 10.32 -16.56
N THR B 341 8.30 10.31 -16.91
CA THR B 341 8.86 9.28 -17.78
C THR B 341 9.32 8.06 -17.02
N SER B 342 9.91 8.29 -15.85
CA SER B 342 10.36 7.22 -14.99
C SER B 342 9.17 6.46 -14.43
N ALA B 343 8.03 7.15 -14.40
CA ALA B 343 6.75 6.56 -13.98
C ALA B 343 6.32 5.40 -14.87
N ASN B 344 5.72 4.40 -14.26
CA ASN B 344 5.11 3.30 -15.01
C ASN B 344 3.59 3.38 -15.21
N VAL B 345 2.92 3.86 -14.17
CA VAL B 345 1.50 4.16 -14.21
C VAL B 345 1.38 5.59 -13.72
N VAL B 346 0.65 6.44 -14.45
CA VAL B 346 0.40 7.78 -13.98
C VAL B 346 -1.06 7.90 -13.61
N LEU B 347 -1.34 8.29 -12.37
CA LEU B 347 -2.70 8.33 -11.88
C LEU B 347 -3.11 9.78 -11.64
N ALA B 348 -4.36 10.08 -12.00
CA ALA B 348 -4.85 11.45 -11.97
C ALA B 348 -6.35 11.39 -12.18
N THR B 349 -7.08 12.35 -11.61
CA THR B 349 -8.51 12.43 -11.82
C THR B 349 -8.74 12.73 -13.28
N ASN B 350 -9.92 12.39 -13.77
CA ASN B 350 -10.26 12.60 -15.17
C ASN B 350 -9.85 13.97 -15.59
N THR B 351 -10.28 14.96 -14.82
CA THR B 351 -9.99 16.35 -15.10
C THR B 351 -8.54 16.77 -14.78
N GLY B 352 -7.78 15.90 -14.11
CA GLY B 352 -6.39 16.19 -13.83
C GLY B 352 -5.43 15.72 -14.92
N ALA B 353 -6.01 15.12 -15.95
CA ALA B 353 -5.23 14.61 -17.07
C ALA B 353 -5.30 15.60 -18.23
N SER B 354 -6.02 16.70 -18.02
CA SER B 354 -6.23 17.67 -19.08
C SER B 354 -4.90 18.09 -19.66
N ALA B 355 -4.93 18.50 -20.93
CA ALA B 355 -3.72 18.88 -21.66
C ALA B 355 -3.14 20.23 -21.25
N ASP B 356 -3.58 20.81 -20.14
CA ASP B 356 -2.86 21.98 -19.62
C ASP B 356 -2.25 21.79 -18.22
N GLY B 357 -2.34 20.57 -17.71
CA GLY B 357 -1.61 20.21 -16.51
C GLY B 357 -0.28 19.54 -16.84
N PRO B 358 0.21 18.71 -15.91
CA PRO B 358 1.52 18.11 -16.12
C PRO B 358 1.59 17.21 -17.34
N LEU B 359 0.45 16.72 -17.82
CA LEU B 359 0.47 15.74 -18.91
C LEU B 359 0.75 16.37 -20.28
N LYS B 360 0.90 17.69 -20.33
CA LYS B 360 1.25 18.34 -21.59
C LYS B 360 2.71 18.10 -21.96
N LEU B 361 3.54 17.86 -20.95
CA LEU B 361 4.98 17.73 -21.13
C LEU B 361 5.40 16.42 -21.79
N LEU B 362 4.48 15.48 -21.97
CA LEU B 362 4.83 14.19 -22.61
C LEU B 362 4.79 14.25 -24.15
N PRO B 363 5.42 13.25 -24.80
CA PRO B 363 5.10 13.08 -26.22
C PRO B 363 3.63 12.70 -26.38
N GLU B 364 3.06 12.93 -27.55
CA GLU B 364 1.77 12.35 -27.90
C GLU B 364 1.99 10.86 -28.16
N SER B 365 1.07 10.01 -27.71
CA SER B 365 1.31 8.57 -27.74
C SER B 365 2.49 8.24 -26.83
N TYR B 366 2.40 8.74 -25.60
CA TYR B 366 3.27 8.28 -24.55
C TYR B 366 2.63 7.06 -23.89
N PHE B 367 1.33 7.14 -23.67
CA PHE B 367 0.59 6.05 -23.05
C PHE B 367 -0.01 5.09 -24.08
N ASP B 368 0.24 3.80 -23.88
CA ASP B 368 -0.29 2.76 -24.76
C ASP B 368 -1.71 2.40 -24.38
N VAL B 369 -2.11 2.82 -23.19
CA VAL B 369 -3.45 2.53 -22.70
C VAL B 369 -3.88 3.46 -21.56
N VAL B 370 -5.16 3.85 -21.58
CA VAL B 370 -5.80 4.63 -20.53
C VAL B 370 -6.83 3.82 -19.78
N VAL B 371 -6.70 3.77 -18.47
CA VAL B 371 -7.68 3.08 -17.63
C VAL B 371 -8.63 4.10 -17.01
N ILE B 372 -9.92 3.78 -16.94
CA ILE B 372 -10.84 4.64 -16.21
C ILE B 372 -11.78 3.86 -15.29
N ASP B 373 -11.56 4.01 -14.00
CA ASP B 373 -12.42 3.38 -13.02
C ASP B 373 -13.61 4.29 -12.68
N GLU B 374 -14.71 3.66 -12.28
CA GLU B 374 -15.93 4.36 -11.92
C GLU B 374 -16.43 5.24 -13.05
N CYS B 375 -16.23 4.80 -14.30
CA CYS B 375 -16.68 5.57 -15.45
C CYS B 375 -18.18 5.81 -15.48
N ALA B 376 -18.93 5.01 -14.74
CA ALA B 376 -20.37 5.17 -14.77
C ALA B 376 -20.75 6.22 -13.75
N GLN B 377 -19.76 6.90 -13.22
CA GLN B 377 -20.01 7.99 -12.31
C GLN B 377 -19.62 9.30 -12.95
N ALA B 378 -18.83 9.22 -14.00
CA ALA B 378 -18.38 10.41 -14.69
C ALA B 378 -19.32 10.78 -15.82
N LEU B 379 -19.47 12.08 -16.02
CA LEU B 379 -19.91 12.60 -17.30
C LEU B 379 -19.05 12.02 -18.46
N GLU B 380 -19.69 11.59 -19.54
CA GLU B 380 -18.95 11.20 -20.74
C GLU B 380 -17.96 12.28 -21.14
N ALA B 381 -18.36 13.54 -21.05
CA ALA B 381 -17.52 14.65 -21.42
C ALA B 381 -16.16 14.69 -20.72
N SER B 382 -16.08 14.15 -19.50
CA SER B 382 -14.80 14.17 -18.76
C SER B 382 -13.86 13.03 -19.15
N CYS B 383 -14.42 11.87 -19.45
CA CYS B 383 -13.63 10.77 -19.95
C CYS B 383 -12.90 11.16 -21.23
N TRP B 384 -13.38 12.19 -21.92
CA TRP B 384 -12.78 12.60 -23.19
C TRP B 384 -11.54 13.47 -23.03
N ILE B 385 -11.16 13.71 -21.77
CA ILE B 385 -9.88 14.33 -21.47
C ILE B 385 -8.78 13.27 -21.42
N PRO B 386 -8.92 12.23 -20.57
CA PRO B 386 -7.92 11.15 -20.62
C PRO B 386 -8.02 10.24 -21.83
N LEU B 387 -9.24 10.03 -22.36
CA LEU B 387 -9.46 9.11 -23.50
C LEU B 387 -8.56 9.38 -24.68
N LEU B 388 -8.44 10.65 -25.07
CA LEU B 388 -7.59 11.00 -26.18
C LEU B 388 -6.11 10.61 -26.05
N LYS B 389 -5.60 10.52 -24.82
CA LYS B 389 -4.15 10.38 -24.64
C LYS B 389 -3.57 8.98 -24.91
N ALA B 390 -4.39 8.08 -25.44
CA ALA B 390 -3.93 6.72 -25.72
C ALA B 390 -4.74 5.97 -26.78
N ARG B 391 -4.25 4.79 -27.16
CA ARG B 391 -4.83 4.00 -28.24
C ARG B 391 -6.04 3.14 -27.85
N LYS B 392 -5.99 2.57 -26.64
CA LYS B 392 -7.01 1.64 -26.16
C LYS B 392 -7.44 2.06 -24.75
N CYS B 393 -8.69 1.80 -24.38
CA CYS B 393 -9.12 2.06 -23.01
C CYS B 393 -9.72 0.88 -22.25
N ILE B 394 -9.62 0.94 -20.93
CA ILE B 394 -10.36 0.03 -20.08
C ILE B 394 -11.31 0.83 -19.19
N LEU B 395 -12.59 0.60 -19.38
CA LEU B 395 -13.59 1.27 -18.59
C LEU B 395 -13.96 0.34 -17.45
N ALA B 396 -14.13 0.88 -16.25
CA ALA B 396 -14.59 0.07 -15.13
C ALA B 396 -15.67 0.81 -14.34
N GLY B 397 -16.59 0.06 -13.75
CA GLY B 397 -17.61 0.68 -12.97
C GLY B 397 -18.87 -0.15 -12.88
N ASP B 398 -19.98 0.52 -12.59
CA ASP B 398 -21.27 -0.12 -12.39
C ASP B 398 -22.40 0.85 -12.73
N HIS B 399 -22.91 0.77 -13.95
CA HIS B 399 -24.00 1.63 -14.39
C HIS B 399 -25.34 1.25 -13.73
N LYS B 400 -25.33 0.23 -12.89
CA LYS B 400 -26.53 -0.04 -12.11
C LYS B 400 -26.45 0.56 -10.71
N GLN B 401 -25.41 1.35 -10.46
CA GLN B 401 -25.33 2.21 -9.27
C GLN B 401 -25.42 3.65 -9.78
N LEU B 402 -25.13 4.62 -8.91
CA LEU B 402 -25.45 6.01 -9.21
C LEU B 402 -24.78 6.57 -10.46
N PRO B 403 -25.58 7.14 -11.39
CA PRO B 403 -24.99 7.79 -12.55
C PRO B 403 -24.45 9.16 -12.16
N PRO B 404 -23.85 9.87 -13.12
CA PRO B 404 -23.34 11.21 -12.79
C PRO B 404 -24.42 12.17 -12.31
N THR B 405 -24.13 12.90 -11.24
CA THR B 405 -25.04 13.91 -10.76
C THR B 405 -24.98 15.16 -11.65
N THR B 406 -26.09 15.88 -11.74
CA THR B 406 -26.19 17.11 -12.53
C THR B 406 -27.09 18.14 -11.85
N VAL B 407 -26.76 19.42 -12.02
CA VAL B 407 -27.48 20.48 -11.32
C VAL B 407 -28.77 20.89 -12.05
N SER B 408 -28.89 20.45 -13.30
CA SER B 408 -30.02 20.72 -14.18
C SER B 408 -30.66 19.44 -14.69
N HIS B 409 -31.92 19.24 -14.35
CA HIS B 409 -32.70 18.12 -14.87
C HIS B 409 -32.85 18.19 -16.38
N LYS B 410 -33.01 19.39 -16.93
CA LYS B 410 -33.05 19.53 -18.37
C LYS B 410 -31.83 18.82 -18.97
N ALA B 411 -30.66 19.24 -18.51
CA ALA B 411 -29.39 18.69 -18.98
C ALA B 411 -29.29 17.20 -18.68
N ALA B 412 -29.75 16.80 -17.50
CA ALA B 412 -29.70 15.38 -17.13
C ALA B 412 -30.55 14.50 -18.05
N LEU B 413 -31.84 14.76 -18.09
CA LEU B 413 -32.77 13.98 -18.92
C LEU B 413 -32.32 14.03 -20.36
N ALA B 414 -31.84 15.20 -20.78
CA ALA B 414 -31.46 15.44 -22.15
C ALA B 414 -30.26 14.60 -22.57
N GLY B 415 -29.55 14.04 -21.59
CA GLY B 415 -28.47 13.11 -21.84
C GLY B 415 -27.13 13.30 -21.13
N LEU B 416 -27.12 14.02 -20.01
CA LEU B 416 -25.87 14.15 -19.26
C LEU B 416 -25.66 13.01 -18.29
N SER B 417 -26.75 12.46 -17.80
CA SER B 417 -26.69 11.35 -16.86
C SER B 417 -26.43 10.01 -17.56
N LEU B 418 -26.02 10.06 -18.82
CA LEU B 418 -25.71 8.83 -19.55
C LEU B 418 -24.18 8.60 -19.67
N SER B 419 -23.55 8.28 -18.55
CA SER B 419 -22.12 7.96 -18.55
C SER B 419 -21.65 7.23 -19.80
N LEU B 420 -20.40 7.48 -20.17
CA LEU B 420 -19.81 6.79 -21.30
C LEU B 420 -20.07 5.31 -21.16
N MET B 421 -19.60 4.74 -20.06
CA MET B 421 -19.74 3.32 -19.81
C MET B 421 -21.16 2.80 -20.09
N GLU B 422 -22.15 3.31 -19.36
CA GLU B 422 -23.51 2.80 -19.50
C GLU B 422 -24.00 2.80 -20.95
N ARG B 423 -23.46 3.72 -21.75
CA ARG B 423 -23.85 3.84 -23.15
C ARG B 423 -23.42 2.67 -24.02
N LEU B 424 -22.14 2.34 -23.96
CA LEU B 424 -21.58 1.23 -24.71
C LEU B 424 -22.11 -0.09 -24.20
N ALA B 425 -22.35 -0.18 -22.91
CA ALA B 425 -22.77 -1.45 -22.34
C ALA B 425 -24.15 -1.78 -22.90
N GLU B 426 -24.99 -0.77 -23.02
CA GLU B 426 -26.29 -0.97 -23.64
C GLU B 426 -26.21 -1.04 -25.17
N GLU B 427 -25.08 -0.59 -25.74
CA GLU B 427 -24.90 -0.67 -27.19
C GLU B 427 -24.19 -1.93 -27.66
N TYR B 428 -22.97 -2.12 -27.20
CA TYR B 428 -22.11 -3.20 -27.63
C TYR B 428 -22.31 -4.47 -26.83
N GLY B 429 -22.92 -4.35 -25.66
CA GLY B 429 -23.11 -5.49 -24.78
C GLY B 429 -21.88 -6.35 -24.52
N ALA B 430 -22.10 -7.67 -24.44
CA ALA B 430 -21.04 -8.64 -24.18
C ALA B 430 -19.91 -8.64 -25.21
N ARG B 431 -20.05 -7.86 -26.28
CA ARG B 431 -18.99 -7.79 -27.27
C ARG B 431 -17.82 -7.05 -26.67
N VAL B 432 -18.13 -6.24 -25.67
CA VAL B 432 -17.21 -5.26 -25.16
C VAL B 432 -17.18 -5.24 -23.61
N VAL B 433 -18.29 -5.63 -22.99
CA VAL B 433 -18.39 -5.74 -21.53
C VAL B 433 -18.06 -7.15 -21.05
N ARG B 434 -17.57 -7.27 -19.82
CA ARG B 434 -17.51 -8.57 -19.18
C ARG B 434 -17.70 -8.31 -17.69
N THR B 435 -18.59 -9.02 -17.06
CA THR B 435 -19.07 -8.55 -15.78
C THR B 435 -18.73 -9.49 -14.63
N LEU B 436 -18.22 -8.94 -13.53
CA LEU B 436 -17.78 -9.73 -12.38
C LEU B 436 -18.96 -10.36 -11.65
N THR B 437 -18.78 -11.50 -10.99
CA THR B 437 -19.96 -12.18 -10.44
C THR B 437 -19.88 -12.70 -9.03
N VAL B 438 -18.69 -12.86 -8.47
CA VAL B 438 -18.70 -13.16 -7.04
C VAL B 438 -18.38 -11.95 -6.19
N GLN B 439 -19.02 -11.93 -5.03
CA GLN B 439 -18.96 -10.80 -4.13
C GLN B 439 -18.39 -11.17 -2.74
N TYR B 440 -17.57 -10.28 -2.17
CA TYR B 440 -16.90 -10.54 -0.91
C TYR B 440 -17.34 -9.56 0.15
N ARG B 441 -18.55 -9.04 -0.01
CA ARG B 441 -19.00 -8.02 0.90
C ARG B 441 -20.18 -8.48 1.73
N MET B 442 -21.23 -8.99 1.07
CA MET B 442 -22.50 -9.17 1.76
C MET B 442 -22.98 -10.59 1.98
N HIS B 443 -23.62 -10.78 3.13
CA HIS B 443 -24.35 -11.99 3.46
C HIS B 443 -25.26 -12.33 2.28
N GLN B 444 -25.42 -13.62 1.99
CA GLN B 444 -26.16 -14.02 0.80
C GLN B 444 -27.61 -13.47 0.75
N ALA B 445 -28.27 -13.40 1.91
CA ALA B 445 -29.63 -12.90 1.97
C ALA B 445 -29.71 -11.46 1.45
N ILE B 446 -28.67 -10.68 1.70
CA ILE B 446 -28.55 -9.32 1.20
C ILE B 446 -28.18 -9.27 -0.29
N MET B 447 -27.24 -10.11 -0.68
CA MET B 447 -26.83 -10.20 -2.05
C MET B 447 -28.00 -10.60 -2.97
N ARG B 448 -28.81 -11.56 -2.56
CA ARG B 448 -29.87 -12.06 -3.45
C ARG B 448 -30.82 -10.96 -3.86
N TRP B 449 -31.21 -10.12 -2.90
CA TRP B 449 -32.12 -9.00 -3.21
C TRP B 449 -31.54 -8.15 -4.31
N ALA B 450 -30.25 -7.83 -4.19
CA ALA B 450 -29.59 -7.04 -5.21
C ALA B 450 -29.47 -7.87 -6.49
N SER B 451 -29.25 -9.16 -6.29
CA SER B 451 -28.88 -10.05 -7.35
C SER B 451 -30.07 -10.28 -8.25
N ASP B 452 -31.16 -10.74 -7.65
CA ASP B 452 -32.37 -11.02 -8.40
C ASP B 452 -33.04 -9.72 -8.89
N THR B 453 -32.81 -8.64 -8.18
CA THR B 453 -33.58 -7.42 -8.41
C THR B 453 -32.89 -6.41 -9.31
N MET B 454 -31.60 -6.61 -9.55
CA MET B 454 -30.84 -5.65 -10.33
C MET B 454 -29.77 -6.27 -11.25
N TYR B 455 -29.32 -7.49 -10.94
CA TYR B 455 -28.22 -8.12 -11.71
C TYR B 455 -28.54 -9.49 -12.29
N LEU B 456 -29.82 -9.77 -12.49
CA LEU B 456 -30.25 -10.97 -13.22
C LEU B 456 -29.98 -12.28 -12.48
N GLY B 457 -29.82 -12.21 -11.16
CA GLY B 457 -29.61 -13.40 -10.35
C GLY B 457 -28.26 -14.05 -10.57
N GLN B 458 -27.33 -13.26 -11.11
CA GLN B 458 -26.00 -13.74 -11.49
C GLN B 458 -24.96 -13.63 -10.39
N LEU B 459 -25.19 -12.78 -9.40
CA LEU B 459 -24.25 -12.63 -8.29
C LEU B 459 -24.21 -13.83 -7.37
N THR B 460 -23.00 -14.14 -6.94
CA THR B 460 -22.67 -15.32 -6.20
C THR B 460 -21.92 -14.85 -4.96
N ALA B 461 -22.20 -15.45 -3.81
CA ALA B 461 -21.47 -15.07 -2.60
C ALA B 461 -20.22 -15.92 -2.34
N HIS B 462 -19.12 -15.26 -1.98
CA HIS B 462 -17.93 -15.97 -1.53
C HIS B 462 -18.17 -16.62 -0.19
N SER B 463 -17.71 -17.86 -0.06
CA SER B 463 -17.90 -18.60 1.19
C SER B 463 -17.48 -17.80 2.42
N SER B 464 -16.56 -16.85 2.26
CA SER B 464 -16.08 -16.07 3.39
C SER B 464 -17.08 -15.04 3.91
N VAL B 465 -17.99 -14.65 3.04
CA VAL B 465 -19.00 -13.68 3.47
C VAL B 465 -20.38 -14.29 3.42
N ALA B 466 -20.52 -15.44 2.79
CA ALA B 466 -21.84 -16.04 2.58
C ALA B 466 -22.72 -16.06 3.82
N ARG B 467 -22.15 -16.45 4.96
CA ARG B 467 -22.90 -16.66 6.20
C ARG B 467 -22.66 -15.63 7.32
N HIS B 468 -21.88 -14.58 7.09
CA HIS B 468 -21.41 -13.77 8.23
C HIS B 468 -22.47 -12.87 8.92
N LEU B 469 -22.36 -12.69 10.23
CA LEU B 469 -23.36 -11.97 11.00
C LEU B 469 -22.71 -11.13 12.08
N LEU B 470 -23.44 -10.13 12.57
CA LEU B 470 -22.85 -9.28 13.60
C LEU B 470 -22.40 -10.10 14.80
N ARG B 471 -23.14 -11.14 15.15
CA ARG B 471 -22.79 -11.92 16.33
C ARG B 471 -21.47 -12.68 16.16
N ASP B 472 -21.13 -12.99 14.92
CA ASP B 472 -19.83 -13.57 14.63
C ASP B 472 -18.62 -12.65 14.89
N LEU B 473 -18.80 -11.32 14.84
CA LEU B 473 -17.73 -10.36 15.13
C LEU B 473 -17.23 -10.43 16.58
N PRO B 474 -15.94 -10.14 16.78
CA PRO B 474 -15.29 -10.24 18.09
C PRO B 474 -15.76 -9.20 19.10
N GLY B 475 -16.22 -9.61 20.28
CA GLY B 475 -16.74 -8.68 21.27
C GLY B 475 -18.21 -8.32 21.09
N VAL B 476 -18.95 -9.10 20.31
CA VAL B 476 -20.34 -8.79 20.05
C VAL B 476 -21.24 -9.97 20.40
N ALA B 477 -22.19 -9.71 21.28
CA ALA B 477 -23.05 -10.73 21.83
C ALA B 477 -24.10 -11.12 20.82
N ALA B 478 -24.60 -12.36 20.98
CA ALA B 478 -25.75 -12.84 20.23
C ALA B 478 -27.05 -12.19 20.71
N THR B 479 -27.62 -11.38 19.83
CA THR B 479 -28.72 -10.53 20.20
C THR B 479 -29.78 -10.87 19.19
N GLU B 480 -30.94 -10.25 19.29
CA GLU B 480 -31.98 -10.52 18.35
C GLU B 480 -31.84 -9.62 17.13
N GLU B 481 -30.91 -8.67 17.21
CA GLU B 481 -30.53 -7.84 16.06
C GLU B 481 -29.19 -8.26 15.42
N THR B 482 -28.27 -8.76 16.24
CA THR B 482 -26.95 -9.15 15.76
C THR B 482 -26.91 -10.56 15.19
N GLY B 483 -28.06 -11.22 15.15
CA GLY B 483 -28.13 -12.57 14.62
C GLY B 483 -28.95 -12.58 13.35
N VAL B 484 -29.28 -11.39 12.85
CA VAL B 484 -30.03 -11.28 11.62
C VAL B 484 -29.43 -10.29 10.64
N PRO B 485 -29.38 -10.67 9.38
CA PRO B 485 -28.89 -9.87 8.25
C PRO B 485 -29.90 -8.84 7.73
N LEU B 486 -31.18 -9.19 7.62
CA LEU B 486 -32.22 -8.29 7.16
C LEU B 486 -33.19 -7.91 8.28
N LEU B 487 -33.33 -6.61 8.54
CA LEU B 487 -34.30 -6.13 9.49
C LEU B 487 -35.11 -5.06 8.79
N LEU B 488 -36.40 -4.99 9.11
CA LEU B 488 -37.29 -3.98 8.56
C LEU B 488 -38.23 -3.55 9.65
N VAL B 489 -37.95 -2.43 10.30
CA VAL B 489 -38.91 -1.90 11.24
C VAL B 489 -39.81 -0.91 10.50
N ASP B 490 -41.12 -1.16 10.60
CA ASP B 490 -42.12 -0.61 9.69
C ASP B 490 -43.00 0.44 10.36
N THR B 491 -43.13 1.57 9.68
CA THR B 491 -43.68 2.80 10.24
C THR B 491 -45.18 2.96 10.02
N ALA B 492 -45.70 2.30 8.99
CA ALA B 492 -47.12 2.34 8.69
C ALA B 492 -47.88 1.54 9.74
N GLY B 493 -49.01 2.07 10.20
CA GLY B 493 -49.37 3.46 10.05
C GLY B 493 -49.29 3.99 11.47
N CYS B 494 -48.07 4.27 11.92
CA CYS B 494 -47.80 4.73 13.27
C CYS B 494 -47.81 6.24 13.32
N GLY B 495 -48.32 6.87 12.26
CA GLY B 495 -48.39 8.32 12.21
C GLY B 495 -47.03 8.99 12.23
N LEU B 496 -45.99 8.22 11.91
CA LEU B 496 -44.64 8.76 11.84
C LEU B 496 -44.44 9.44 10.49
N PHE B 497 -45.17 10.53 10.25
CA PHE B 497 -45.19 11.22 8.96
C PHE B 497 -43.98 12.10 8.69
N GLU B 498 -43.86 12.55 7.44
CA GLU B 498 -42.72 13.34 6.99
C GLU B 498 -42.91 14.85 7.14
N LEU B 499 -41.82 15.58 6.98
CA LEU B 499 -41.89 17.04 6.92
C LEU B 499 -40.79 17.62 5.99
N GLU B 500 -40.75 18.95 5.84
CA GLU B 500 -39.87 19.59 4.85
C GLU B 500 -39.48 21.06 5.06
N GLU B 501 -38.38 21.44 4.42
CA GLU B 501 -37.90 22.82 4.35
C GLU B 501 -38.33 23.49 3.04
N GLU B 502 -39.04 24.62 3.15
CA GLU B 502 -39.46 25.38 1.99
C GLU B 502 -38.28 26.07 1.32
N GLN B 505 -38.36 21.88 -0.51
CA GLN B 505 -37.03 21.30 -0.78
C GLN B 505 -36.82 19.93 -0.13
N SER B 506 -35.84 19.79 0.76
CA SER B 506 -35.45 18.48 1.28
C SER B 506 -36.59 17.83 2.07
N LYS B 507 -36.34 16.63 2.62
CA LYS B 507 -37.34 15.93 3.44
C LYS B 507 -36.73 15.35 4.70
N GLY B 508 -37.52 15.29 5.76
CA GLY B 508 -37.03 14.79 7.02
C GLY B 508 -38.14 14.09 7.76
N ASN B 509 -37.81 13.39 8.82
CA ASN B 509 -38.78 12.57 9.53
C ASN B 509 -38.30 12.25 10.95
N PRO B 510 -38.78 13.02 11.93
CA PRO B 510 -38.37 12.85 13.32
C PRO B 510 -38.68 11.45 13.84
N GLY B 511 -39.75 10.83 13.35
CA GLY B 511 -40.11 9.50 13.79
C GLY B 511 -39.02 8.48 13.55
N GLU B 512 -38.70 8.26 12.29
CA GLU B 512 -37.53 7.43 11.92
C GLU B 512 -36.25 7.79 12.68
N VAL B 513 -36.06 9.06 12.98
CA VAL B 513 -34.85 9.47 13.68
C VAL B 513 -34.75 8.82 15.06
N ARG B 514 -35.89 8.72 15.73
CA ARG B 514 -35.92 8.05 17.02
C ARG B 514 -35.69 6.58 16.79
N LEU B 515 -36.18 6.08 15.66
CA LEU B 515 -35.98 4.67 15.33
C LEU B 515 -34.50 4.34 15.05
N VAL B 516 -33.79 5.06 14.19
CA VAL B 516 -32.40 4.68 14.01
C VAL B 516 -31.68 4.74 15.36
N SER B 517 -32.05 5.72 16.15
CA SER B 517 -31.36 5.96 17.40
C SER B 517 -31.48 4.78 18.36
N LEU B 518 -32.63 4.13 18.39
CA LEU B 518 -32.86 3.04 19.33
C LEU B 518 -32.15 1.78 18.87
N HIS B 519 -32.09 1.59 17.56
CA HIS B 519 -31.43 0.44 17.00
C HIS B 519 -29.90 0.56 17.12
N ILE B 520 -29.38 1.71 16.75
CA ILE B 520 -27.96 1.99 16.91
C ILE B 520 -27.60 1.57 18.32
N GLN B 521 -28.41 2.02 19.27
CA GLN B 521 -28.15 1.76 20.65
C GLN B 521 -28.12 0.26 20.96
N ALA B 522 -29.09 -0.49 20.45
CA ALA B 522 -29.09 -1.93 20.57
C ALA B 522 -27.81 -2.56 20.01
N LEU B 523 -27.37 -2.19 18.80
CA LEU B 523 -26.14 -2.76 18.25
C LEU B 523 -24.94 -2.40 19.13
N VAL B 524 -24.83 -1.13 19.48
CA VAL B 524 -23.70 -0.67 20.26
C VAL B 524 -23.72 -1.23 21.69
N ASP B 525 -24.89 -1.35 22.29
CA ASP B 525 -24.96 -2.01 23.60
C ASP B 525 -24.57 -3.45 23.42
N ALA B 526 -24.71 -3.96 22.20
CA ALA B 526 -24.41 -5.36 21.95
C ALA B 526 -22.93 -5.44 21.78
N GLY B 527 -22.32 -4.27 21.63
CA GLY B 527 -20.89 -4.18 21.45
C GLY B 527 -20.41 -4.19 20.02
N VAL B 528 -21.30 -4.09 19.04
CA VAL B 528 -20.83 -3.77 17.68
C VAL B 528 -20.20 -2.37 17.68
N PRO B 529 -18.92 -2.27 17.35
CA PRO B 529 -18.26 -0.95 17.31
C PRO B 529 -19.02 0.10 16.48
N ALA B 530 -19.28 1.26 17.06
CA ALA B 530 -19.83 2.40 16.32
C ALA B 530 -19.19 2.68 14.95
N ARG B 531 -17.88 2.47 14.83
CA ARG B 531 -17.17 2.72 13.57
C ARG B 531 -17.32 1.61 12.53
N ASP B 532 -18.23 0.68 12.80
CA ASP B 532 -18.50 -0.40 11.86
C ASP B 532 -19.94 -0.37 11.51
N ILE B 533 -20.58 0.71 11.90
CA ILE B 533 -21.96 0.95 11.58
C ILE B 533 -22.00 2.17 10.71
N ALA B 534 -23.07 2.33 9.95
CA ALA B 534 -23.24 3.53 9.20
C ALA B 534 -24.73 3.83 9.11
N VAL B 535 -25.09 5.07 9.42
CA VAL B 535 -26.44 5.52 9.22
C VAL B 535 -26.53 6.24 7.89
N VAL B 536 -27.49 5.83 7.09
CA VAL B 536 -27.61 6.31 5.74
C VAL B 536 -29.05 6.65 5.42
N SER B 537 -29.22 7.73 4.68
CA SER B 537 -30.53 8.23 4.30
C SER B 537 -30.32 9.07 3.08
N PRO B 538 -31.32 9.09 2.17
CA PRO B 538 -31.19 9.83 0.91
C PRO B 538 -31.20 11.32 1.06
N TYR B 539 -31.76 11.82 2.15
CA TYR B 539 -32.08 13.24 2.28
C TYR B 539 -31.10 13.98 3.17
N ASN B 540 -30.67 15.15 2.74
CA ASN B 540 -29.73 15.95 3.53
C ASN B 540 -30.35 16.44 4.80
N LEU B 541 -31.66 16.64 4.77
CA LEU B 541 -32.41 17.14 5.91
C LEU B 541 -32.51 16.07 6.99
N GLN B 542 -32.82 14.84 6.56
CA GLN B 542 -32.82 13.69 7.46
C GLN B 542 -31.40 13.41 7.95
N VAL B 543 -30.43 13.43 7.05
CA VAL B 543 -29.04 13.28 7.48
C VAL B 543 -28.74 14.26 8.60
N ASP B 544 -28.89 15.56 8.33
CA ASP B 544 -28.59 16.57 9.34
C ASP B 544 -29.28 16.26 10.65
N LEU B 545 -30.61 16.19 10.62
CA LEU B 545 -31.43 15.83 11.78
C LEU B 545 -30.86 14.62 12.57
N LEU B 546 -30.37 13.62 11.84
CA LEU B 546 -29.74 12.41 12.40
C LEU B 546 -28.41 12.70 13.10
N ARG B 547 -27.62 13.60 12.53
CA ARG B 547 -26.33 13.96 13.11
C ARG B 547 -26.55 14.76 14.37
N GLN B 548 -27.40 15.78 14.28
CA GLN B 548 -27.75 16.56 15.44
C GLN B 548 -28.17 15.64 16.57
N SER B 549 -28.62 14.44 16.22
CA SER B 549 -29.19 13.53 17.21
C SER B 549 -28.20 12.44 17.65
N LEU B 550 -27.25 12.10 16.78
CA LEU B 550 -26.42 10.92 16.98
C LEU B 550 -24.92 11.19 17.11
N VAL B 551 -24.47 12.38 16.70
CA VAL B 551 -23.03 12.61 16.58
C VAL B 551 -22.36 12.63 17.93
N HIS B 552 -22.88 13.43 18.85
CA HIS B 552 -22.27 13.56 20.16
C HIS B 552 -22.25 12.23 20.92
N ARG B 553 -23.32 11.45 20.76
CA ARG B 553 -23.48 10.20 21.47
C ARG B 553 -22.58 9.10 20.89
N HIS B 554 -22.28 9.22 19.61
CA HIS B 554 -21.48 8.24 18.88
C HIS B 554 -20.46 8.88 17.95
N PRO B 555 -19.39 9.41 18.54
CA PRO B 555 -18.31 10.07 17.80
C PRO B 555 -17.92 9.36 16.52
N GLU B 556 -17.74 8.04 16.57
CA GLU B 556 -17.13 7.33 15.44
C GLU B 556 -18.11 6.73 14.42
N LEU B 557 -19.40 7.03 14.60
CA LEU B 557 -20.45 6.60 13.69
C LEU B 557 -20.53 7.50 12.48
N GLU B 558 -20.45 6.90 11.28
CA GLU B 558 -20.57 7.63 10.03
C GLU B 558 -22.03 7.75 9.62
N ILE B 559 -22.45 8.98 9.33
CA ILE B 559 -23.84 9.28 8.97
C ILE B 559 -23.84 10.06 7.68
N LYS B 560 -24.36 9.49 6.61
CA LYS B 560 -24.29 10.19 5.34
C LYS B 560 -25.54 10.05 4.45
N SER B 561 -25.62 10.89 3.43
CA SER B 561 -26.61 10.70 2.38
C SER B 561 -26.12 9.52 1.61
N VAL B 562 -27.00 8.90 0.83
CA VAL B 562 -26.61 7.72 0.04
C VAL B 562 -25.56 8.13 -0.96
N ASP B 563 -25.75 9.29 -1.55
CA ASP B 563 -24.91 9.73 -2.64
C ASP B 563 -23.48 10.01 -2.17
N GLY B 564 -23.36 10.46 -0.93
CA GLY B 564 -22.04 10.69 -0.36
C GLY B 564 -21.46 9.43 0.26
N PHE B 565 -22.02 8.30 -0.10
CA PHE B 565 -21.57 7.03 0.45
C PHE B 565 -21.31 5.98 -0.61
N GLN B 566 -21.21 6.39 -1.87
CA GLN B 566 -21.01 5.42 -2.93
C GLN B 566 -19.66 4.78 -2.71
N GLY B 567 -19.58 3.47 -2.87
CA GLY B 567 -18.30 2.80 -2.78
C GLY B 567 -17.85 2.48 -1.36
N ARG B 568 -18.67 2.87 -0.39
CA ARG B 568 -18.32 2.65 1.00
C ARG B 568 -18.91 1.32 1.40
N GLU B 569 -18.40 0.73 2.48
CA GLU B 569 -19.05 -0.44 3.09
C GLU B 569 -18.81 -0.47 4.62
N LYS B 570 -19.77 -1.01 5.35
CA LYS B 570 -19.63 -1.13 6.80
C LYS B 570 -20.24 -2.44 7.21
N GLU B 571 -19.81 -2.95 8.35
CA GLU B 571 -20.31 -4.24 8.83
C GLU B 571 -21.83 -4.22 8.96
N ALA B 572 -22.39 -3.07 9.37
CA ALA B 572 -23.83 -2.87 9.55
C ALA B 572 -24.31 -1.47 9.10
N VAL B 573 -25.30 -1.46 8.21
CA VAL B 573 -25.89 -0.22 7.74
C VAL B 573 -27.36 -0.09 8.13
N ILE B 574 -27.73 1.09 8.61
CA ILE B 574 -29.10 1.37 8.95
C ILE B 574 -29.59 2.49 8.05
N LEU B 575 -30.61 2.20 7.26
CA LEU B 575 -31.15 3.16 6.30
C LEU B 575 -32.49 3.76 6.75
N SER B 576 -32.69 5.02 6.42
CA SER B 576 -33.93 5.72 6.76
C SER B 576 -34.46 6.26 5.47
N PHE B 577 -35.65 5.81 5.08
CA PHE B 577 -36.23 6.19 3.80
C PHE B 577 -37.02 7.48 3.85
N VAL B 578 -37.29 7.95 5.07
CA VAL B 578 -37.83 9.30 5.27
C VAL B 578 -39.29 9.55 4.79
N ARG B 579 -39.67 9.01 3.64
CA ARG B 579 -41.01 9.26 3.08
C ARG B 579 -42.21 8.61 3.77
N SER B 580 -43.15 9.45 4.20
CA SER B 580 -44.40 9.00 4.83
C SER B 580 -45.47 10.08 4.66
N ASN B 581 -46.43 9.86 3.77
CA ASN B 581 -47.49 10.84 3.54
C ASN B 581 -48.75 10.24 2.95
N ARG B 582 -49.80 11.04 2.81
CA ARG B 582 -51.09 10.49 2.39
C ARG B 582 -51.28 10.33 0.89
N LYS B 583 -50.38 10.93 0.10
CA LYS B 583 -50.46 10.85 -1.36
C LYS B 583 -49.72 9.65 -1.98
N GLY B 584 -48.83 9.01 -1.22
CA GLY B 584 -48.01 7.94 -1.78
C GLY B 584 -46.85 8.44 -2.65
N GLU B 585 -46.34 9.64 -2.33
CA GLU B 585 -45.24 10.21 -3.08
C GLU B 585 -43.88 9.90 -2.46
N VAL B 586 -42.94 9.52 -3.31
CA VAL B 586 -41.63 9.13 -2.83
C VAL B 586 -40.55 10.06 -3.42
N GLY B 587 -40.65 10.34 -4.72
CA GLY B 587 -39.78 11.28 -5.42
C GLY B 587 -38.28 11.11 -5.22
N PHE B 588 -37.58 10.51 -6.19
CA PHE B 588 -36.11 10.39 -6.11
C PHE B 588 -35.69 9.24 -5.18
N LEU B 589 -36.69 8.59 -4.57
CA LEU B 589 -36.53 7.24 -4.06
C LEU B 589 -36.93 6.29 -5.19
N ALA B 590 -37.62 6.84 -6.17
CA ALA B 590 -38.09 6.09 -7.33
C ALA B 590 -36.96 5.79 -8.30
N GLU B 591 -35.83 6.46 -8.11
CA GLU B 591 -34.61 6.13 -8.84
C GLU B 591 -33.99 4.85 -8.28
N ASP B 592 -34.34 3.73 -8.89
CA ASP B 592 -34.00 2.38 -8.39
C ASP B 592 -32.53 2.22 -8.05
N ARG B 593 -31.66 2.80 -8.87
CA ARG B 593 -30.21 2.67 -8.72
C ARG B 593 -29.72 3.22 -7.40
N ARG B 594 -30.24 4.37 -6.99
CA ARG B 594 -29.92 4.87 -5.67
C ARG B 594 -30.26 3.87 -4.59
N ILE B 595 -31.44 3.26 -4.67
CA ILE B 595 -31.86 2.32 -3.63
C ILE B 595 -30.96 1.09 -3.67
N ASN B 596 -30.51 0.74 -4.87
CA ASN B 596 -29.64 -0.43 -5.03
C ASN B 596 -28.35 -0.18 -4.31
N VAL B 597 -27.89 1.07 -4.37
CA VAL B 597 -26.71 1.51 -3.64
C VAL B 597 -26.92 1.45 -2.13
N ALA B 598 -27.92 2.16 -1.64
CA ALA B 598 -28.20 2.18 -0.22
C ALA B 598 -28.15 0.82 0.47
N VAL B 599 -28.63 -0.22 -0.19
CA VAL B 599 -28.72 -1.52 0.47
C VAL B 599 -27.42 -2.30 0.37
N THR B 600 -26.71 -2.14 -0.74
CA THR B 600 -25.58 -3.00 -1.00
C THR B 600 -24.31 -2.46 -0.36
N ARG B 601 -24.49 -1.53 0.57
CA ARG B 601 -23.38 -0.97 1.32
C ARG B 601 -23.08 -1.84 2.54
N ALA B 602 -23.89 -2.86 2.76
CA ALA B 602 -23.84 -3.55 4.03
C ALA B 602 -23.10 -4.88 3.93
N ARG B 603 -22.52 -5.33 5.03
CA ARG B 603 -21.86 -6.63 5.04
C ARG B 603 -22.70 -7.73 5.71
N ARG B 604 -22.89 -7.58 7.02
CA ARG B 604 -23.59 -8.58 7.81
C ARG B 604 -24.97 -8.17 8.27
N HIS B 605 -25.43 -6.96 7.92
CA HIS B 605 -26.69 -6.43 8.49
C HIS B 605 -27.15 -5.10 7.88
N VAL B 606 -28.39 -5.08 7.42
CA VAL B 606 -29.00 -3.86 6.99
C VAL B 606 -30.37 -3.77 7.63
N ALA B 607 -30.62 -2.66 8.31
CA ALA B 607 -31.91 -2.38 8.88
C ALA B 607 -32.54 -1.33 7.99
N VAL B 608 -33.73 -1.59 7.48
CA VAL B 608 -34.42 -0.60 6.70
C VAL B 608 -35.62 -0.08 7.47
N ILE B 609 -35.61 1.21 7.76
CA ILE B 609 -36.71 1.85 8.43
C ILE B 609 -37.54 2.66 7.42
N CYS B 610 -38.83 2.34 7.26
CA CYS B 610 -39.66 3.12 6.35
C CYS B 610 -41.16 3.03 6.59
N ASP B 611 -41.92 3.71 5.75
CA ASP B 611 -43.37 3.71 5.83
C ASP B 611 -43.87 2.86 4.67
N SER B 612 -44.14 1.60 4.94
CA SER B 612 -44.52 0.67 3.88
C SER B 612 -45.69 1.17 3.05
N ARG B 613 -46.70 1.74 3.72
CA ARG B 613 -47.93 2.23 3.08
C ARG B 613 -47.66 3.24 1.98
N THR B 614 -46.68 4.11 2.21
CA THR B 614 -46.32 5.16 1.25
C THR B 614 -45.39 4.61 0.18
N VAL B 615 -44.34 3.97 0.64
CA VAL B 615 -43.25 3.60 -0.21
C VAL B 615 -43.63 2.44 -1.14
N ASN B 616 -44.55 1.61 -0.68
CA ASN B 616 -45.05 0.51 -1.52
C ASN B 616 -45.73 1.02 -2.75
N ASN B 617 -45.82 2.34 -2.86
CA ASN B 617 -46.44 2.96 -4.01
C ASN B 617 -45.56 2.90 -5.22
N HIS B 618 -44.24 2.79 -5.00
CA HIS B 618 -43.31 2.53 -6.10
C HIS B 618 -42.96 1.05 -6.07
N ALA B 619 -43.16 0.38 -7.20
CA ALA B 619 -42.97 -1.06 -7.31
C ALA B 619 -41.66 -1.55 -6.68
N PHE B 620 -40.55 -1.06 -7.22
CA PHE B 620 -39.22 -1.47 -6.81
C PHE B 620 -39.09 -1.44 -5.28
N LEU B 621 -39.70 -0.43 -4.67
CA LEU B 621 -39.69 -0.31 -3.23
C LEU B 621 -40.68 -1.30 -2.62
N LYS B 622 -41.74 -1.62 -3.35
CA LYS B 622 -42.62 -2.66 -2.84
C LYS B 622 -41.87 -3.99 -2.84
N THR B 623 -41.26 -4.37 -3.96
CA THR B 623 -40.61 -5.67 -4.01
C THR B 623 -39.43 -5.81 -3.00
N LEU B 624 -38.81 -4.68 -2.67
CA LEU B 624 -37.87 -4.61 -1.58
C LEU B 624 -38.50 -4.93 -0.23
N VAL B 625 -39.66 -4.36 0.08
CA VAL B 625 -40.29 -4.70 1.35
C VAL B 625 -40.89 -6.11 1.33
N GLU B 626 -41.42 -6.51 0.18
CA GLU B 626 -41.89 -7.88 0.01
C GLU B 626 -40.78 -8.84 0.39
N TYR B 627 -39.59 -8.56 -0.14
CA TYR B 627 -38.40 -9.37 0.11
C TYR B 627 -38.07 -9.48 1.61
N PHE B 628 -38.16 -8.39 2.34
CA PHE B 628 -37.84 -8.45 3.76
C PHE B 628 -38.89 -9.26 4.54
N THR B 629 -40.11 -9.31 4.03
CA THR B 629 -41.20 -9.91 4.79
C THR B 629 -41.13 -11.43 4.69
N GLN B 630 -40.65 -11.90 3.56
CA GLN B 630 -40.49 -13.34 3.39
C GLN B 630 -39.16 -13.92 3.92
N HIS B 631 -38.08 -13.16 3.85
CA HIS B 631 -36.74 -13.64 4.25
C HIS B 631 -36.14 -12.90 5.45
N GLY B 632 -36.63 -11.69 5.71
CA GLY B 632 -36.10 -10.88 6.78
C GLY B 632 -36.92 -10.95 8.05
N GLU B 633 -36.68 -10.01 8.95
CA GLU B 633 -37.43 -9.90 10.18
C GLU B 633 -38.11 -8.53 10.22
N VAL B 634 -39.44 -8.48 10.13
CA VAL B 634 -40.12 -7.19 10.16
C VAL B 634 -40.60 -6.87 11.54
N ARG B 635 -40.43 -5.62 11.95
CA ARG B 635 -40.99 -5.13 13.21
C ARG B 635 -41.88 -3.94 12.90
N THR B 636 -42.65 -3.49 13.88
CA THR B 636 -43.45 -2.30 13.69
C THR B 636 -42.99 -1.31 14.73
N ALA B 637 -42.95 -0.04 14.34
CA ALA B 637 -42.60 1.05 15.25
C ALA B 637 -43.33 0.97 16.58
N PHE B 638 -44.40 0.18 16.65
CA PHE B 638 -45.13 -0.01 17.90
C PHE B 638 -44.31 -0.70 18.98
N GLU B 639 -43.27 -1.40 18.56
CA GLU B 639 -42.42 -2.13 19.50
C GLU B 639 -41.41 -1.18 20.14
N TYR B 640 -41.08 -0.12 19.41
CA TYR B 640 -40.12 0.88 19.87
C TYR B 640 -40.80 2.07 20.57
N LEU B 641 -41.64 2.78 19.83
CA LEU B 641 -42.32 3.96 20.36
C LEU B 641 -43.50 3.64 21.29
N ASP B 642 -44.19 4.68 21.75
CA ASP B 642 -45.21 4.51 22.78
C ASP B 642 -46.19 5.68 22.79
N ASP B 643 -45.96 6.63 21.89
CA ASP B 643 -46.85 7.75 21.74
C ASP B 643 -47.37 7.81 20.30
N ILE B 644 -47.50 6.64 19.70
CA ILE B 644 -48.14 6.52 18.40
C ILE B 644 -49.64 6.38 18.58
N VAL B 645 -50.39 6.77 17.54
CA VAL B 645 -51.83 6.57 17.51
C VAL B 645 -52.22 5.85 16.22
N PRO B 646 -52.93 4.71 16.36
CA PRO B 646 -53.47 3.92 15.24
C PRO B 646 -54.44 4.71 14.34
#